data_5H0I
#
_entry.id   5H0I
#
_cell.length_a   145.730
_cell.length_b   70.210
_cell.length_c   118.280
_cell.angle_alpha   90.00
_cell.angle_beta   117.14
_cell.angle_gamma   90.00
#
_symmetry.space_group_name_H-M   'C 1 2 1'
#
loop_
_entity.id
_entity.type
_entity.pdbx_description
1 polymer 'Asparaginyl endopeptidase'
2 water water
#
_entity_poly.entity_id   1
_entity_poly.type   'polypeptide(L)'
_entity_poly.pdbx_seq_one_letter_code
;GDYLHLPSEVSRFFRPQETNDDHGEDSVGTRWAVLIAGSKGYANYRHQAGVCHAYQILKRGGLKDENIVVFMYDDIAYNE
SNPRPGVIINSPHGSDVYAGVPKDYTGEEVNAKNFLAAILGNKSAITGGSGKVVDSGPNDHIFIYYTDHGAAGVIGMPSK
PYLYADELNDALKKKHASGTYKSLVFYLEACESGSMFEGILPEDLNIYALTSTNTTESSWCYYCPAQENPPPPEYNVCLG
DLFSVAWLEDSDVQNSWYETLNQQYHHVDKRISHASHATQYGNLKLGEEGLFVYMGSNPANDNYTSLDGNALTPSSIVVN
QRDADLLHLWEKFRKAPEGSARKEEAQTQIFKAMSHRVHIDSSIKLIGKLLFGIEKCTEILNAVRPAGQPLVDDWACLRS
LVGTFETHCGSLSEYGMRHTRTIANICNAGISEEQMAEAASQACASIP
;
_entity_poly.pdbx_strand_id   A,B
#
# COMPACT_ATOMS: atom_id res chain seq x y z
N GLY A 29 27.65 8.76 5.63
CA GLY A 29 26.89 8.28 4.48
C GLY A 29 25.41 8.57 4.59
N THR A 30 24.60 7.53 4.40
CA THR A 30 23.14 7.57 4.45
C THR A 30 22.66 6.74 5.64
N ARG A 31 21.65 7.26 6.34
CA ARG A 31 21.02 6.55 7.44
C ARG A 31 19.79 5.84 6.86
N TRP A 32 19.75 4.50 6.98
CA TRP A 32 18.65 3.65 6.54
C TRP A 32 17.93 3.08 7.75
N ALA A 33 16.65 2.78 7.56
CA ALA A 33 15.81 2.16 8.57
C ALA A 33 14.88 1.20 7.90
N VAL A 34 14.59 0.08 8.60
CA VAL A 34 13.63 -0.98 8.29
C VAL A 34 12.78 -1.05 9.54
N LEU A 35 11.50 -0.84 9.38
CA LEU A 35 10.53 -0.86 10.47
C LEU A 35 9.52 -1.91 10.11
N ILE A 36 9.36 -2.94 10.97
CA ILE A 36 8.44 -4.05 10.70
C ILE A 36 7.60 -4.47 11.90
N ALA A 37 6.27 -4.46 11.73
CA ALA A 37 5.27 -4.98 12.65
C ALA A 37 5.03 -6.42 12.12
N GLY A 38 5.40 -7.42 12.93
CA GLY A 38 5.29 -8.83 12.55
C GLY A 38 3.95 -9.49 12.70
N SER A 39 2.89 -8.73 13.07
CA SER A 39 1.52 -9.21 13.30
C SER A 39 0.45 -8.49 12.53
N LYS A 40 -0.79 -9.02 12.60
CA LYS A 40 -2.03 -8.47 12.05
C LYS A 40 -3.15 -8.60 13.12
N GLY A 41 -4.34 -8.07 12.82
CA GLY A 41 -5.49 -8.12 13.72
C GLY A 41 -5.55 -6.90 14.62
N TYR A 42 -6.77 -6.37 14.85
CA TYR A 42 -7.01 -5.19 15.70
C TYR A 42 -6.38 -5.28 17.09
N ALA A 43 -6.37 -6.47 17.69
CA ALA A 43 -5.79 -6.72 19.01
C ALA A 43 -4.30 -6.37 19.08
N ASN A 44 -3.59 -6.58 17.95
CA ASN A 44 -2.15 -6.27 17.78
C ASN A 44 -1.88 -4.81 17.36
N TYR A 45 -2.88 -3.93 17.54
CA TYR A 45 -2.87 -2.48 17.34
C TYR A 45 -1.48 -1.88 17.64
N ARG A 46 -0.94 -2.18 18.85
CA ARG A 46 0.35 -1.72 19.44
C ARG A 46 1.55 -1.90 18.53
N HIS A 47 1.66 -3.05 17.83
CA HIS A 47 2.82 -3.32 16.97
C HIS A 47 2.92 -2.34 15.79
N GLN A 48 1.79 -2.08 15.14
CA GLN A 48 1.70 -1.13 14.03
C GLN A 48 1.80 0.30 14.52
N ALA A 49 1.22 0.59 15.70
CA ALA A 49 1.30 1.88 16.39
C ALA A 49 2.78 2.20 16.66
N GLY A 50 3.55 1.22 17.12
CA GLY A 50 4.98 1.35 17.38
C GLY A 50 5.79 1.63 16.14
N VAL A 51 5.42 1.01 15.00
CA VAL A 51 6.10 1.20 13.70
C VAL A 51 5.84 2.63 13.18
N CYS A 52 4.56 3.12 13.21
CA CYS A 52 4.19 4.48 12.84
C CYS A 52 4.89 5.47 13.74
N HIS A 53 4.99 5.18 15.06
CA HIS A 53 5.67 6.06 16.01
C HIS A 53 7.18 6.12 15.66
N ALA A 54 7.85 4.97 15.42
CA ALA A 54 9.27 4.94 15.03
C ALA A 54 9.53 5.75 13.78
N TYR A 55 8.55 5.76 12.82
CA TYR A 55 8.66 6.53 11.58
C TYR A 55 8.63 8.03 11.85
N GLN A 56 7.73 8.47 12.73
CA GLN A 56 7.64 9.89 13.09
C GLN A 56 8.92 10.37 13.74
N ILE A 57 9.62 9.49 14.50
CA ILE A 57 10.90 9.81 15.15
C ILE A 57 11.98 10.06 14.10
N LEU A 58 12.14 9.11 13.17
CA LEU A 58 13.10 9.16 12.08
C LEU A 58 12.86 10.34 11.11
N LYS A 59 11.57 10.60 10.76
CA LYS A 59 11.20 11.74 9.88
C LYS A 59 11.64 13.06 10.55
N ARG A 60 11.33 13.21 11.86
CA ARG A 60 11.72 14.35 12.71
C ARG A 60 13.24 14.47 12.83
N GLY A 61 13.93 13.31 12.83
CA GLY A 61 15.37 13.16 12.91
C GLY A 61 16.08 13.47 11.61
N GLY A 62 15.33 13.60 10.51
CA GLY A 62 15.85 13.96 9.21
C GLY A 62 16.04 12.86 8.18
N LEU A 63 15.64 11.63 8.52
CA LEU A 63 15.76 10.51 7.58
C LEU A 63 14.76 10.65 6.43
N LYS A 64 15.21 10.31 5.22
CA LYS A 64 14.40 10.42 4.00
C LYS A 64 13.56 9.16 3.83
N ASP A 65 12.30 9.33 3.37
CA ASP A 65 11.34 8.25 3.12
C ASP A 65 11.94 7.18 2.23
N GLU A 66 12.82 7.54 1.29
CA GLU A 66 13.46 6.59 0.39
C GLU A 66 14.45 5.66 1.09
N ASN A 67 14.78 5.94 2.35
CA ASN A 67 15.72 5.15 3.13
C ASN A 67 15.05 4.44 4.29
N ILE A 68 13.75 4.62 4.44
CA ILE A 68 12.95 4.02 5.49
C ILE A 68 11.99 3.06 4.83
N VAL A 69 12.22 1.74 5.04
CA VAL A 69 11.39 0.64 4.52
C VAL A 69 10.40 0.28 5.59
N VAL A 70 9.13 0.44 5.28
CA VAL A 70 8.06 0.14 6.22
C VAL A 70 7.26 -1.08 5.82
N PHE A 71 7.22 -2.08 6.73
CA PHE A 71 6.43 -3.32 6.65
C PHE A 71 5.37 -3.21 7.74
N MET A 72 4.13 -3.01 7.36
CA MET A 72 3.03 -2.98 8.31
C MET A 72 1.81 -3.50 7.61
N TYR A 73 1.18 -4.53 8.14
CA TYR A 73 -0.07 -5.12 7.59
C TYR A 73 -1.03 -3.89 7.67
N ASP A 74 -1.57 -3.40 6.63
CA ASP A 74 -2.20 -2.09 6.94
C ASP A 74 -3.70 -2.15 7.47
N ASP A 75 -3.98 -3.00 8.47
CA ASP A 75 -5.35 -3.29 8.96
C ASP A 75 -5.83 -2.62 10.28
N ILE A 76 -5.19 -1.51 10.69
CA ILE A 76 -5.55 -0.88 11.95
C ILE A 76 -6.38 0.42 11.78
N ALA A 77 -5.84 1.41 11.07
CA ALA A 77 -6.47 2.70 10.85
C ALA A 77 -7.94 2.68 10.43
N TYR A 78 -8.38 1.66 9.69
CA TYR A 78 -9.77 1.58 9.22
C TYR A 78 -10.42 0.27 9.60
N ASN A 79 -9.95 -0.31 10.69
CA ASN A 79 -10.51 -1.51 11.24
C ASN A 79 -11.90 -1.13 11.73
N GLU A 80 -12.83 -2.04 11.50
CA GLU A 80 -14.23 -1.98 11.90
C GLU A 80 -14.31 -1.67 13.41
N SER A 81 -13.33 -2.16 14.20
CA SER A 81 -13.24 -1.96 15.65
C SER A 81 -12.49 -0.68 16.07
N ASN A 82 -11.79 0.00 15.18
CA ASN A 82 -11.08 1.23 15.56
C ASN A 82 -12.10 2.36 15.85
N PRO A 83 -12.13 2.89 17.10
CA PRO A 83 -13.10 3.93 17.41
C PRO A 83 -12.78 5.30 16.80
N ARG A 84 -11.53 5.49 16.34
CA ARG A 84 -11.07 6.74 15.71
C ARG A 84 -10.57 6.44 14.28
N PRO A 85 -11.51 6.25 13.31
CA PRO A 85 -11.09 5.87 11.94
C PRO A 85 -10.16 6.85 11.26
N GLY A 86 -9.03 6.32 10.80
CA GLY A 86 -7.98 7.07 10.10
C GLY A 86 -6.81 7.49 10.97
N VAL A 87 -6.96 7.26 12.30
CA VAL A 87 -5.95 7.59 13.29
C VAL A 87 -5.46 6.33 14.03
N ILE A 88 -4.16 6.35 14.37
CA ILE A 88 -3.46 5.38 15.20
C ILE A 88 -2.69 6.20 16.23
N ILE A 89 -2.89 5.92 17.51
CA ILE A 89 -2.21 6.57 18.63
C ILE A 89 -1.34 5.54 19.38
N ASN A 90 -0.17 5.95 19.91
CA ASN A 90 0.69 5.05 20.65
C ASN A 90 0.62 5.26 22.22
N SER A 91 0.17 6.45 22.69
CA SER A 91 -0.05 6.77 24.11
C SER A 91 -1.52 7.29 24.29
N PRO A 92 -2.10 7.38 25.54
CA PRO A 92 -3.55 7.74 25.65
C PRO A 92 -3.95 9.14 25.20
N HIS A 93 -3.08 10.12 25.41
CA HIS A 93 -3.28 11.53 25.02
C HIS A 93 -2.37 11.85 23.85
N GLY A 94 -1.76 10.80 23.31
CA GLY A 94 -0.85 10.90 22.17
C GLY A 94 -1.59 11.34 20.94
N SER A 95 -0.87 12.00 20.05
CA SER A 95 -1.43 12.49 18.78
C SER A 95 -1.37 11.37 17.72
N ASP A 96 -2.00 11.59 16.54
CA ASP A 96 -1.98 10.62 15.43
C ASP A 96 -0.55 10.33 14.95
N VAL A 97 -0.22 9.03 14.75
CA VAL A 97 1.11 8.56 14.26
C VAL A 97 0.98 7.94 12.85
N TYR A 98 -0.26 7.69 12.41
CA TYR A 98 -0.57 7.09 11.10
C TYR A 98 -0.37 7.95 9.90
N ALA A 99 -0.82 9.23 9.92
CA ALA A 99 -0.65 10.12 8.79
C ALA A 99 0.83 10.36 8.46
N GLY A 100 1.14 10.32 7.17
CA GLY A 100 2.49 10.53 6.62
C GLY A 100 3.41 9.34 6.55
N VAL A 101 3.00 8.20 7.12
CA VAL A 101 3.80 6.97 7.17
C VAL A 101 3.89 6.27 5.79
N PRO A 102 5.13 5.92 5.32
CA PRO A 102 5.26 5.22 4.02
C PRO A 102 4.74 3.79 4.14
N LYS A 103 4.27 3.21 3.03
CA LYS A 103 3.75 1.85 3.04
C LYS A 103 4.49 1.13 1.93
N ASP A 104 5.60 0.50 2.30
CA ASP A 104 6.35 -0.28 1.33
C ASP A 104 5.82 -1.70 1.15
N TYR A 105 5.44 -2.37 2.23
CA TYR A 105 4.95 -3.76 2.20
C TYR A 105 3.84 -3.84 3.18
N THR A 106 2.62 -4.04 2.69
CA THR A 106 1.42 -4.16 3.51
C THR A 106 0.75 -5.52 3.23
N GLY A 107 -0.22 -5.92 4.04
CA GLY A 107 -0.92 -7.17 3.84
C GLY A 107 0.01 -8.36 3.87
N GLU A 108 -0.20 -9.31 2.96
CA GLU A 108 0.62 -10.52 2.92
C GLU A 108 2.04 -10.29 2.33
N GLU A 109 2.37 -9.02 1.98
CA GLU A 109 3.73 -8.63 1.55
C GLU A 109 4.60 -8.56 2.80
N VAL A 110 3.97 -8.46 3.97
CA VAL A 110 4.68 -8.49 5.25
C VAL A 110 4.99 -9.96 5.53
N ASN A 111 6.16 -10.42 5.09
CA ASN A 111 6.59 -11.82 5.21
C ASN A 111 8.12 -11.94 5.38
N ALA A 112 8.61 -13.10 5.84
CA ALA A 112 10.03 -13.35 6.13
C ALA A 112 10.93 -13.17 4.94
N LYS A 113 10.51 -13.72 3.77
CA LYS A 113 11.28 -13.62 2.52
C LYS A 113 11.52 -12.17 2.13
N ASN A 114 10.45 -11.33 2.15
CA ASN A 114 10.50 -9.90 1.80
C ASN A 114 11.30 -9.11 2.81
N PHE A 115 11.20 -9.49 4.11
CA PHE A 115 11.92 -8.84 5.20
C PHE A 115 13.40 -9.07 5.04
N LEU A 116 13.80 -10.34 4.80
CA LEU A 116 15.22 -10.66 4.56
C LEU A 116 15.74 -10.04 3.27
N ALA A 117 14.91 -9.98 2.21
CA ALA A 117 15.29 -9.36 0.93
C ALA A 117 15.43 -7.85 1.06
N ALA A 118 14.58 -7.17 1.84
CA ALA A 118 14.69 -5.74 2.05
C ALA A 118 15.98 -5.44 2.82
N ILE A 119 16.33 -6.27 3.81
CA ILE A 119 17.56 -6.09 4.59
C ILE A 119 18.77 -6.19 3.67
N LEU A 120 18.81 -7.27 2.85
CA LEU A 120 19.91 -7.59 1.95
C LEU A 120 20.05 -6.68 0.72
N GLY A 121 19.05 -5.84 0.46
CA GLY A 121 19.03 -4.90 -0.65
C GLY A 121 18.81 -5.56 -1.98
N ASN A 122 18.22 -6.78 -1.97
CA ASN A 122 17.99 -7.61 -3.16
C ASN A 122 16.56 -7.49 -3.74
N LYS A 123 16.32 -6.54 -4.66
CA LYS A 123 14.98 -6.33 -5.24
C LYS A 123 14.43 -7.55 -6.01
N SER A 124 15.29 -8.37 -6.63
CA SER A 124 14.84 -9.54 -7.38
C SER A 124 14.13 -10.60 -6.53
N ALA A 125 14.40 -10.61 -5.21
CA ALA A 125 13.81 -11.55 -4.23
C ALA A 125 12.51 -11.03 -3.57
N ILE A 126 12.13 -9.79 -3.83
CA ILE A 126 10.91 -9.19 -3.31
C ILE A 126 9.71 -9.66 -4.16
N THR A 127 8.54 -9.85 -3.53
CA THR A 127 7.28 -10.21 -4.18
C THR A 127 6.25 -9.20 -3.70
N GLY A 128 5.77 -8.36 -4.62
CA GLY A 128 4.80 -7.31 -4.32
C GLY A 128 5.43 -6.14 -3.60
N GLY A 129 4.61 -5.19 -3.17
CA GLY A 129 5.08 -4.01 -2.47
C GLY A 129 5.73 -3.01 -3.40
N SER A 130 6.24 -1.91 -2.84
CA SER A 130 6.85 -0.82 -3.62
C SER A 130 8.12 -1.26 -4.33
N GLY A 131 8.89 -2.15 -3.74
CA GLY A 131 10.16 -2.60 -4.32
C GLY A 131 11.34 -1.92 -3.67
N LYS A 132 11.09 -1.10 -2.64
CA LYS A 132 12.09 -0.41 -1.85
C LYS A 132 12.85 -1.46 -1.01
N VAL A 133 14.17 -1.41 -1.05
CA VAL A 133 15.05 -2.33 -0.30
C VAL A 133 16.19 -1.51 0.30
N VAL A 134 16.98 -2.09 1.22
CA VAL A 134 18.13 -1.40 1.80
C VAL A 134 19.37 -1.58 0.88
N ASP A 135 19.39 -0.80 -0.21
CA ASP A 135 20.49 -0.78 -1.18
C ASP A 135 21.60 0.19 -0.72
N SER A 136 22.21 -0.17 0.41
CA SER A 136 23.19 0.58 1.16
C SER A 136 24.64 0.34 0.73
N GLY A 137 25.52 1.25 1.17
CA GLY A 137 26.95 1.27 0.91
C GLY A 137 27.78 1.10 2.18
N PRO A 138 29.13 0.96 2.06
CA PRO A 138 29.96 0.70 3.26
C PRO A 138 30.06 1.84 4.29
N ASN A 139 29.62 3.07 3.97
CA ASN A 139 29.63 4.19 4.92
C ASN A 139 28.27 4.41 5.58
N ASP A 140 27.27 3.58 5.20
CA ASP A 140 25.89 3.70 5.64
C ASP A 140 25.59 3.04 6.96
N HIS A 141 24.57 3.56 7.65
CA HIS A 141 24.10 3.03 8.93
C HIS A 141 22.72 2.48 8.76
N ILE A 142 22.45 1.36 9.40
CA ILE A 142 21.15 0.69 9.32
C ILE A 142 20.56 0.53 10.71
N PHE A 143 19.29 0.89 10.83
CA PHE A 143 18.53 0.71 12.06
C PHE A 143 17.34 -0.20 11.75
N ILE A 144 17.32 -1.39 12.33
CA ILE A 144 16.23 -2.34 12.12
C ILE A 144 15.42 -2.40 13.38
N TYR A 145 14.12 -2.14 13.25
CA TYR A 145 13.19 -2.21 14.35
C TYR A 145 12.08 -3.17 14.01
N TYR A 146 12.03 -4.24 14.78
CA TYR A 146 11.01 -5.28 14.66
C TYR A 146 10.19 -5.33 15.94
N THR A 147 8.86 -5.30 15.82
CA THR A 147 7.95 -5.42 16.97
C THR A 147 6.87 -6.41 16.61
N ASP A 148 6.58 -7.36 17.53
CA ASP A 148 5.52 -8.40 17.39
C ASP A 148 5.67 -9.47 18.42
N HIS A 149 5.19 -10.66 18.09
CA HIS A 149 5.21 -11.86 18.87
C HIS A 149 6.47 -12.63 18.57
N GLY A 150 6.86 -13.37 19.54
CA GLY A 150 8.03 -14.20 19.43
C GLY A 150 7.94 -15.27 20.47
N ALA A 151 8.82 -16.23 20.31
CA ALA A 151 8.98 -17.34 21.24
C ALA A 151 10.43 -17.72 21.12
N ALA A 152 10.84 -18.79 21.78
CA ALA A 152 12.22 -19.24 21.77
C ALA A 152 12.63 -19.59 20.34
N GLY A 153 13.59 -18.81 19.83
CA GLY A 153 14.20 -18.96 18.50
C GLY A 153 13.35 -18.60 17.31
N VAL A 154 12.23 -17.91 17.51
CA VAL A 154 11.27 -17.58 16.44
C VAL A 154 10.59 -16.24 16.68
N ILE A 155 10.36 -15.49 15.60
CA ILE A 155 9.60 -14.25 15.60
C ILE A 155 8.49 -14.40 14.55
N GLY A 156 7.32 -13.87 14.86
CA GLY A 156 6.18 -14.03 14.00
C GLY A 156 6.17 -13.19 12.76
N MET A 157 5.35 -13.61 11.81
CA MET A 157 5.02 -12.88 10.58
C MET A 157 3.48 -12.87 10.58
N PRO A 158 2.74 -11.92 9.95
CA PRO A 158 1.26 -11.95 10.02
C PRO A 158 0.62 -13.29 9.66
N SER A 159 1.32 -14.09 8.87
CA SER A 159 0.93 -15.45 8.53
C SER A 159 2.23 -16.24 8.41
N LYS A 160 2.17 -17.57 8.55
CA LYS A 160 3.34 -18.42 8.45
C LYS A 160 3.86 -18.40 7.00
N PRO A 161 5.17 -18.60 6.73
CA PRO A 161 6.25 -19.00 7.66
C PRO A 161 6.77 -17.92 8.61
N TYR A 162 7.24 -18.38 9.77
CA TYR A 162 7.83 -17.51 10.78
C TYR A 162 9.32 -17.40 10.55
N LEU A 163 9.93 -16.45 11.22
CA LEU A 163 11.35 -16.25 11.06
C LEU A 163 12.11 -16.76 12.30
N TYR A 164 12.90 -17.83 12.12
CA TYR A 164 13.71 -18.49 13.14
C TYR A 164 15.05 -17.81 13.30
N ALA A 165 15.68 -17.93 14.48
CA ALA A 165 16.96 -17.30 14.79
C ALA A 165 18.09 -17.60 13.79
N ASP A 166 18.17 -18.84 13.27
CA ASP A 166 19.22 -19.21 12.29
C ASP A 166 19.01 -18.53 10.95
N GLU A 167 17.76 -18.49 10.44
CA GLU A 167 17.37 -17.88 9.17
C GLU A 167 17.75 -16.40 9.19
N LEU A 168 17.41 -15.68 10.29
CA LEU A 168 17.68 -14.26 10.45
C LEU A 168 19.17 -13.97 10.56
N ASN A 169 19.90 -14.70 11.42
CA ASN A 169 21.33 -14.50 11.63
C ASN A 169 22.15 -14.84 10.39
N ASP A 170 21.63 -15.74 9.52
CA ASP A 170 22.29 -16.04 8.24
C ASP A 170 22.17 -14.85 7.28
N ALA A 171 21.00 -14.16 7.28
CA ALA A 171 20.76 -12.97 6.46
C ALA A 171 21.69 -11.82 6.89
N LEU A 172 21.87 -11.63 8.22
CA LEU A 172 22.78 -10.61 8.75
C LEU A 172 24.26 -10.95 8.47
N LYS A 173 24.62 -12.25 8.43
CA LYS A 173 25.96 -12.71 8.09
C LYS A 173 26.28 -12.38 6.61
N LYS A 174 25.28 -12.58 5.71
CA LYS A 174 25.38 -12.31 4.28
C LYS A 174 25.46 -10.82 4.02
N LYS A 175 24.73 -10.01 4.81
CA LYS A 175 24.76 -8.54 4.70
C LYS A 175 26.17 -8.04 5.04
N HIS A 176 26.76 -8.55 6.14
CA HIS A 176 28.13 -8.20 6.55
C HIS A 176 29.16 -8.62 5.49
N ALA A 177 29.00 -9.84 4.92
CA ALA A 177 29.89 -10.39 3.88
C ALA A 177 29.91 -9.53 2.60
N SER A 178 28.83 -8.80 2.32
CA SER A 178 28.74 -7.93 1.14
C SER A 178 29.35 -6.52 1.39
N GLY A 179 29.70 -6.20 2.64
CA GLY A 179 30.28 -4.92 3.05
C GLY A 179 29.45 -3.71 2.66
N THR A 180 28.13 -3.80 2.90
CA THR A 180 27.18 -2.75 2.51
C THR A 180 26.63 -1.95 3.70
N TYR A 181 27.46 -1.75 4.75
CA TYR A 181 27.12 -0.92 5.92
C TYR A 181 28.36 -0.72 6.77
N LYS A 182 28.37 0.35 7.57
CA LYS A 182 29.45 0.67 8.52
C LYS A 182 29.10 -0.08 9.82
N SER A 183 27.88 0.15 10.33
CA SER A 183 27.34 -0.51 11.50
C SER A 183 25.80 -0.57 11.39
N LEU A 184 25.23 -1.58 12.07
CA LEU A 184 23.82 -1.86 12.09
C LEU A 184 23.35 -2.00 13.56
N VAL A 185 22.19 -1.42 13.87
CA VAL A 185 21.54 -1.47 15.18
C VAL A 185 20.24 -2.18 14.95
N PHE A 186 19.99 -3.27 15.70
CA PHE A 186 18.81 -4.11 15.62
C PHE A 186 18.03 -4.06 16.95
N TYR A 187 16.85 -3.44 17.00
CA TYR A 187 15.96 -3.39 18.18
C TYR A 187 14.83 -4.36 17.89
N LEU A 188 14.65 -5.36 18.78
CA LEU A 188 13.68 -6.41 18.61
C LEU A 188 12.75 -6.52 19.80
N GLU A 189 11.46 -6.30 19.55
CA GLU A 189 10.41 -6.42 20.55
C GLU A 189 9.60 -7.71 20.24
N ALA A 190 9.71 -8.70 21.11
CA ALA A 190 9.01 -9.98 21.05
C ALA A 190 9.32 -10.75 22.33
N CYS A 191 8.44 -11.71 22.70
CA CYS A 191 8.68 -12.51 23.87
C CYS A 191 9.84 -13.44 23.58
N GLU A 192 10.72 -13.65 24.60
CA GLU A 192 11.91 -14.50 24.52
C GLU A 192 12.84 -14.02 23.41
N SER A 193 12.79 -12.71 23.07
CA SER A 193 13.54 -12.08 21.95
C SER A 193 15.05 -12.29 22.04
N GLY A 194 15.55 -12.50 23.26
CA GLY A 194 16.95 -12.75 23.55
C GLY A 194 17.42 -13.99 22.82
N SER A 195 16.52 -14.99 22.73
CA SER A 195 16.75 -16.29 22.07
C SER A 195 17.00 -16.18 20.55
N MET A 196 16.81 -14.99 19.99
CA MET A 196 17.03 -14.76 18.56
C MET A 196 18.50 -14.49 18.32
N PHE A 197 19.24 -14.03 19.33
CA PHE A 197 20.66 -13.71 19.14
C PHE A 197 21.64 -14.49 20.02
N GLU A 198 21.21 -14.90 21.21
CA GLU A 198 22.04 -15.64 22.16
C GLU A 198 22.63 -16.95 21.58
N GLY A 199 23.98 -17.00 21.57
CA GLY A 199 24.78 -18.10 21.06
C GLY A 199 24.77 -18.22 19.54
N ILE A 200 24.32 -17.14 18.85
CA ILE A 200 24.19 -17.06 17.39
C ILE A 200 24.89 -15.82 16.78
N LEU A 201 24.43 -14.61 17.15
CA LEU A 201 24.97 -13.34 16.66
C LEU A 201 26.38 -13.10 17.15
N PRO A 202 27.36 -13.03 16.19
CA PRO A 202 28.76 -12.82 16.59
C PRO A 202 29.04 -11.37 16.86
N GLU A 203 30.05 -11.12 17.68
CA GLU A 203 30.45 -9.78 18.07
C GLU A 203 31.29 -9.07 17.00
N ASP A 204 31.62 -9.77 15.87
CA ASP A 204 32.50 -9.30 14.77
C ASP A 204 31.79 -8.85 13.46
N LEU A 205 30.47 -8.66 13.48
CA LEU A 205 29.74 -8.25 12.27
C LEU A 205 29.42 -6.75 12.24
N ASN A 206 29.77 -5.99 13.29
CA ASN A 206 29.48 -4.56 13.42
C ASN A 206 27.97 -4.36 13.60
N ILE A 207 27.34 -5.33 14.28
CA ILE A 207 25.92 -5.36 14.58
C ILE A 207 25.78 -5.31 16.10
N TYR A 208 24.87 -4.44 16.55
CA TYR A 208 24.48 -4.23 17.94
C TYR A 208 22.99 -4.53 18.01
N ALA A 209 22.58 -5.48 18.85
CA ALA A 209 21.19 -5.85 19.02
C ALA A 209 20.69 -5.50 20.42
N LEU A 210 19.45 -5.06 20.50
CA LEU A 210 18.77 -4.74 21.74
C LEU A 210 17.42 -5.43 21.71
N THR A 211 17.26 -6.43 22.59
CA THR A 211 16.03 -7.19 22.70
C THR A 211 15.21 -6.68 23.88
N SER A 212 13.88 -6.77 23.79
CA SER A 212 12.94 -6.35 24.84
C SER A 212 13.06 -7.22 26.10
N THR A 213 13.36 -8.53 25.92
CA THR A 213 13.51 -9.50 27.00
C THR A 213 14.80 -10.31 26.88
N ASN A 214 15.03 -11.20 27.84
CA ASN A 214 16.17 -12.10 27.75
C ASN A 214 15.70 -13.33 26.94
N THR A 215 16.38 -14.50 27.09
CA THR A 215 16.14 -15.74 26.37
C THR A 215 14.82 -16.41 26.73
N THR A 216 14.35 -16.27 27.99
CA THR A 216 13.17 -16.97 28.51
C THR A 216 11.95 -16.09 28.94
N GLU A 217 12.18 -14.81 29.26
CA GLU A 217 11.11 -13.89 29.70
C GLU A 217 10.09 -13.56 28.61
N SER A 218 8.96 -13.00 29.07
CA SER A 218 7.87 -12.46 28.30
C SER A 218 7.95 -10.96 28.36
N SER A 219 7.53 -10.28 27.29
CA SER A 219 7.48 -8.83 27.24
C SER A 219 6.08 -8.42 27.64
N TRP A 220 5.94 -7.18 28.11
CA TRP A 220 4.65 -6.69 28.59
C TRP A 220 4.14 -5.52 27.79
N CYS A 221 2.83 -5.36 27.73
CA CYS A 221 2.19 -4.23 27.04
C CYS A 221 2.10 -3.06 27.98
N TYR A 222 1.91 -1.88 27.42
CA TYR A 222 1.77 -0.65 28.18
C TYR A 222 0.64 0.13 27.53
N TYR A 223 0.01 1.06 28.28
CA TYR A 223 -1.14 1.87 27.84
C TYR A 223 -2.35 0.97 27.56
N CYS A 224 -2.64 0.08 28.56
CA CYS A 224 -3.69 -0.92 28.49
C CYS A 224 -4.92 -0.55 29.30
N PRO A 225 -6.13 -0.96 28.86
CA PRO A 225 -7.34 -0.61 29.61
C PRO A 225 -7.28 -0.96 31.10
N ALA A 226 -6.85 -2.20 31.45
CA ALA A 226 -6.70 -2.67 32.85
C ALA A 226 -5.24 -2.51 33.31
N GLN A 227 -4.78 -1.24 33.42
CA GLN A 227 -3.40 -0.90 33.74
C GLN A 227 -3.19 0.59 34.17
N GLU A 228 -1.91 0.98 34.40
CA GLU A 228 -1.39 2.27 34.84
C GLU A 228 -2.03 3.49 34.13
N ASN A 229 -1.50 3.90 32.95
CA ASN A 229 -2.03 5.00 32.14
C ASN A 229 -2.96 4.34 31.11
N PRO A 230 -4.30 4.38 31.28
CA PRO A 230 -5.17 3.65 30.34
C PRO A 230 -5.51 4.43 29.08
N PRO A 231 -5.74 3.74 27.95
CA PRO A 231 -6.16 4.45 26.74
C PRO A 231 -7.55 5.10 26.92
N PRO A 232 -7.95 6.09 26.05
CA PRO A 232 -9.32 6.66 26.15
C PRO A 232 -10.42 5.57 26.25
N PRO A 233 -11.56 5.81 26.97
CA PRO A 233 -12.56 4.72 27.18
C PRO A 233 -13.04 3.96 25.94
N GLU A 234 -12.98 4.59 24.73
CA GLU A 234 -13.37 4.03 23.45
C GLU A 234 -12.52 2.82 23.07
N TYR A 235 -11.21 2.82 23.48
CA TYR A 235 -10.24 1.76 23.22
C TYR A 235 -10.31 0.55 24.18
N ASN A 236 -10.32 -0.65 23.56
CA ASN A 236 -10.38 -1.99 24.15
C ASN A 236 -9.05 -2.70 23.93
N VAL A 237 -7.99 -1.95 23.62
CA VAL A 237 -6.70 -2.55 23.28
C VAL A 237 -5.56 -1.80 23.89
N CYS A 238 -4.42 -2.47 24.01
CA CYS A 238 -3.17 -1.88 24.46
C CYS A 238 -2.65 -1.03 23.33
N LEU A 239 -2.27 0.22 23.64
CA LEU A 239 -1.77 1.11 22.62
C LEU A 239 -0.30 0.90 22.35
N GLY A 240 0.42 0.40 23.34
CA GLY A 240 1.84 0.16 23.19
C GLY A 240 2.30 -1.13 23.82
N ASP A 241 3.61 -1.38 23.74
CA ASP A 241 4.37 -2.45 24.39
C ASP A 241 5.31 -1.68 25.26
N LEU A 242 5.66 -2.20 26.44
CA LEU A 242 6.50 -1.45 27.38
C LEU A 242 7.85 -1.06 26.81
N PHE A 243 8.65 -2.03 26.27
CA PHE A 243 9.99 -1.78 25.70
C PHE A 243 9.94 -0.79 24.54
N SER A 244 8.94 -0.95 23.65
CA SER A 244 8.77 -0.06 22.51
C SER A 244 8.46 1.36 22.97
N VAL A 245 7.42 1.53 23.76
CA VAL A 245 6.96 2.80 24.29
C VAL A 245 8.10 3.47 25.08
N ALA A 246 8.94 2.67 25.76
CA ALA A 246 10.09 3.18 26.50
C ALA A 246 11.08 3.86 25.58
N TRP A 247 11.66 3.13 24.62
CA TRP A 247 12.65 3.71 23.70
C TRP A 247 12.04 4.77 22.74
N LEU A 248 10.77 4.61 22.32
CA LEU A 248 10.11 5.57 21.45
C LEU A 248 9.91 6.91 22.17
N GLU A 249 9.40 6.85 23.40
CA GLU A 249 9.18 8.06 24.23
C GLU A 249 10.50 8.70 24.62
N ASP A 250 11.53 7.86 24.84
CA ASP A 250 12.88 8.28 25.16
C ASP A 250 13.46 9.02 23.96
N SER A 251 13.28 8.48 22.74
CA SER A 251 13.72 9.11 21.48
C SER A 251 12.96 10.40 21.14
N ASP A 252 11.70 10.55 21.58
CA ASP A 252 10.88 11.76 21.36
C ASP A 252 11.41 12.96 22.14
N VAL A 253 11.87 12.73 23.38
CA VAL A 253 12.34 13.78 24.27
C VAL A 253 13.86 13.98 24.18
N GLN A 254 14.65 13.04 24.76
CA GLN A 254 16.11 13.15 24.84
C GLN A 254 16.79 13.28 23.47
N ASN A 255 17.61 14.36 23.36
CA ASN A 255 18.41 14.81 22.22
C ASN A 255 19.34 13.68 21.70
N SER A 256 19.34 13.45 20.37
CA SER A 256 20.12 12.42 19.68
C SER A 256 21.65 12.57 19.77
N TRP A 257 22.16 13.83 19.83
CA TRP A 257 23.59 14.15 19.99
C TRP A 257 23.97 13.97 21.47
N TYR A 258 23.03 14.35 22.35
CA TYR A 258 23.04 14.29 23.82
C TYR A 258 23.12 12.83 24.30
N GLU A 259 22.51 11.89 23.54
CA GLU A 259 22.33 10.50 23.94
C GLU A 259 23.04 9.45 23.12
N THR A 260 23.56 8.43 23.82
CA THR A 260 24.21 7.26 23.25
C THR A 260 23.27 6.06 23.35
N LEU A 261 23.60 4.96 22.64
CA LEU A 261 22.80 3.73 22.65
C LEU A 261 22.82 3.12 24.05
N ASN A 262 23.99 3.15 24.72
CA ASN A 262 24.12 2.65 26.08
C ASN A 262 23.24 3.45 27.04
N GLN A 263 23.22 4.80 26.92
CA GLN A 263 22.35 5.69 27.71
C GLN A 263 20.89 5.30 27.50
N GLN A 264 20.44 5.19 26.20
CA GLN A 264 19.07 4.78 25.88
C GLN A 264 18.75 3.42 26.46
N TYR A 265 19.68 2.46 26.36
CA TYR A 265 19.54 1.11 26.93
C TYR A 265 19.25 1.22 28.43
N HIS A 266 20.05 2.04 29.15
CA HIS A 266 19.88 2.27 30.58
C HIS A 266 18.54 2.96 30.89
N HIS A 267 18.12 3.95 30.07
CA HIS A 267 16.80 4.59 30.26
C HIS A 267 15.65 3.60 30.11
N VAL A 268 15.75 2.64 29.15
CA VAL A 268 14.68 1.65 28.96
C VAL A 268 14.76 0.59 30.07
N ASP A 269 15.97 0.12 30.42
CA ASP A 269 16.13 -0.85 31.51
C ASP A 269 15.50 -0.33 32.81
N LYS A 270 15.74 0.95 33.16
CA LYS A 270 15.17 1.60 34.34
C LYS A 270 13.63 1.57 34.32
N ARG A 271 13.03 1.92 33.16
CA ARG A 271 11.58 1.98 33.00
C ARG A 271 10.90 0.60 32.91
N ILE A 272 11.62 -0.43 32.42
CA ILE A 272 11.10 -1.77 32.08
C ILE A 272 11.52 -2.93 33.02
N SER A 273 12.51 -2.71 33.90
CA SER A 273 13.12 -3.66 34.87
C SER A 273 12.18 -4.67 35.53
N HIS A 274 11.03 -4.19 36.04
CA HIS A 274 10.03 -4.99 36.75
C HIS A 274 9.38 -6.08 35.88
N ALA A 275 9.27 -5.80 34.58
CA ALA A 275 8.64 -6.62 33.55
C ALA A 275 9.63 -7.56 32.84
N SER A 276 10.74 -7.00 32.32
CA SER A 276 11.73 -7.71 31.48
C SER A 276 13.14 -7.14 31.61
N HIS A 277 14.12 -7.86 31.07
CA HIS A 277 15.48 -7.38 30.98
C HIS A 277 15.85 -7.14 29.53
N ALA A 278 15.92 -5.85 29.16
CA ALA A 278 16.37 -5.47 27.84
C ALA A 278 17.82 -6.00 27.79
N THR A 279 18.14 -6.81 26.78
CA THR A 279 19.47 -7.41 26.68
C THR A 279 20.17 -6.93 25.41
N GLN A 280 21.48 -6.66 25.55
CA GLN A 280 22.39 -6.23 24.50
C GLN A 280 23.20 -7.44 23.94
N TYR A 281 23.26 -7.55 22.61
CA TYR A 281 23.97 -8.63 21.89
C TYR A 281 24.88 -8.02 20.85
N GLY A 282 25.83 -8.83 20.38
CA GLY A 282 26.78 -8.43 19.35
C GLY A 282 27.91 -7.58 19.88
N ASN A 283 28.32 -6.59 19.08
CA ASN A 283 29.39 -5.65 19.39
C ASN A 283 28.81 -4.56 20.32
N LEU A 284 29.05 -4.72 21.62
CA LEU A 284 28.53 -3.76 22.60
C LEU A 284 29.33 -2.45 22.59
N LYS A 285 30.50 -2.43 21.90
CA LYS A 285 31.36 -1.24 21.74
C LYS A 285 30.53 -0.17 21.02
N LEU A 286 29.62 -0.62 20.13
CA LEU A 286 28.70 0.21 19.35
C LEU A 286 27.73 1.01 20.24
N GLY A 287 27.54 0.56 21.49
CA GLY A 287 26.68 1.22 22.47
C GLY A 287 27.15 2.61 22.84
N GLU A 288 28.46 2.87 22.66
CA GLU A 288 29.10 4.15 22.94
C GLU A 288 28.77 5.22 21.88
N GLU A 289 28.30 4.80 20.68
CA GLU A 289 27.91 5.70 19.59
C GLU A 289 26.60 6.40 19.92
N GLY A 290 26.42 7.61 19.38
CA GLY A 290 25.22 8.39 19.54
C GLY A 290 24.05 7.87 18.74
N LEU A 291 22.81 8.18 19.20
CA LEU A 291 21.57 7.80 18.50
C LEU A 291 21.41 8.52 17.15
N PHE A 292 22.00 9.73 17.00
CA PHE A 292 21.93 10.56 15.79
C PHE A 292 22.56 9.85 14.61
N VAL A 293 23.56 8.98 14.89
CA VAL A 293 24.30 8.19 13.89
C VAL A 293 23.33 7.31 13.09
N TYR A 294 22.31 6.76 13.75
CA TYR A 294 21.32 5.88 13.16
C TYR A 294 19.93 6.47 12.97
N MET A 295 19.54 7.42 13.85
CA MET A 295 18.21 8.03 13.94
C MET A 295 18.06 9.52 13.61
N GLY A 296 19.17 10.21 13.30
CA GLY A 296 19.17 11.65 13.04
C GLY A 296 18.88 12.48 14.29
N SER A 297 18.76 13.81 14.16
CA SER A 297 18.46 14.65 15.34
C SER A 297 17.28 15.61 15.11
N ASN A 298 16.28 15.56 16.01
CA ASN A 298 14.99 16.30 16.02
C ASN A 298 15.07 17.83 15.76
N PRO A 299 15.83 18.68 16.52
CA PRO A 299 15.79 20.14 16.27
C PRO A 299 16.27 20.57 14.89
N VAL A 318 0.08 -4.93 35.26
CA VAL A 318 0.49 -4.91 33.84
C VAL A 318 -0.07 -6.13 33.04
N VAL A 319 -0.04 -6.04 31.68
CA VAL A 319 -0.54 -7.08 30.77
C VAL A 319 0.58 -7.80 30.00
N ASN A 320 0.53 -9.14 29.94
CA ASN A 320 1.51 -9.94 29.23
C ASN A 320 1.13 -9.93 27.77
N GLN A 321 2.12 -9.82 26.87
CA GLN A 321 1.91 -9.81 25.41
C GLN A 321 1.13 -11.06 24.94
N ARG A 322 1.40 -12.22 25.54
CA ARG A 322 0.71 -13.48 25.25
C ARG A 322 -0.77 -13.50 25.69
N ASP A 323 -1.16 -12.57 26.61
CA ASP A 323 -2.51 -12.44 27.16
C ASP A 323 -3.29 -11.27 26.57
N ALA A 324 -2.59 -10.30 25.95
CA ALA A 324 -3.19 -9.09 25.38
C ALA A 324 -4.39 -9.35 24.46
N ASP A 325 -4.46 -10.50 23.80
CA ASP A 325 -5.57 -10.85 22.90
C ASP A 325 -6.83 -11.08 23.73
N LEU A 326 -6.67 -11.81 24.86
CA LEU A 326 -7.72 -12.11 25.82
C LEU A 326 -8.14 -10.87 26.55
N LEU A 327 -7.19 -10.01 26.97
CA LEU A 327 -7.47 -8.72 27.61
C LEU A 327 -8.54 -7.96 26.80
N HIS A 328 -8.31 -7.86 25.48
CA HIS A 328 -9.17 -7.22 24.50
C HIS A 328 -10.58 -7.83 24.47
N LEU A 329 -10.68 -9.17 24.40
CA LEU A 329 -11.98 -9.86 24.39
C LEU A 329 -12.72 -9.64 25.74
N TRP A 330 -11.96 -9.68 26.86
CA TRP A 330 -12.53 -9.40 28.18
C TRP A 330 -13.02 -7.94 28.29
N GLU A 331 -12.29 -6.99 27.68
CA GLU A 331 -12.66 -5.57 27.69
C GLU A 331 -13.90 -5.32 26.86
N LYS A 332 -13.96 -5.99 25.70
CA LYS A 332 -15.07 -5.98 24.77
C LYS A 332 -16.29 -6.50 25.49
N PHE A 333 -16.13 -7.62 26.24
CA PHE A 333 -17.18 -8.29 27.00
C PHE A 333 -17.69 -7.49 28.18
N ARG A 334 -16.77 -6.97 28.99
CA ARG A 334 -17.06 -6.19 30.20
C ARG A 334 -17.87 -4.92 29.90
N LYS A 335 -17.44 -4.12 28.90
CA LYS A 335 -18.06 -2.85 28.47
C LYS A 335 -19.41 -3.04 27.76
N ALA A 336 -19.59 -4.17 27.03
CA ALA A 336 -20.81 -4.48 26.30
C ALA A 336 -22.08 -4.51 27.17
N PRO A 337 -23.22 -3.91 26.74
CA PRO A 337 -24.45 -3.95 27.57
C PRO A 337 -25.00 -5.36 27.66
N GLU A 338 -25.58 -5.73 28.80
CA GLU A 338 -26.14 -7.07 29.01
C GLU A 338 -27.29 -7.37 28.06
N GLY A 339 -27.37 -8.62 27.62
CA GLY A 339 -28.39 -9.09 26.68
C GLY A 339 -28.19 -8.62 25.25
N SER A 340 -27.08 -7.92 24.96
CA SER A 340 -26.79 -7.42 23.62
C SER A 340 -26.01 -8.43 22.80
N ALA A 341 -26.07 -8.30 21.47
CA ALA A 341 -25.39 -9.17 20.52
C ALA A 341 -23.87 -9.04 20.69
N ARG A 342 -23.37 -7.81 20.96
CA ARG A 342 -21.95 -7.54 21.18
C ARG A 342 -21.42 -8.28 22.43
N LYS A 343 -22.23 -8.39 23.51
CA LYS A 343 -21.84 -9.14 24.71
C LYS A 343 -21.84 -10.64 24.41
N GLU A 344 -22.91 -11.13 23.75
CA GLU A 344 -23.08 -12.52 23.30
C GLU A 344 -21.91 -12.94 22.37
N GLU A 345 -21.46 -12.02 21.48
CA GLU A 345 -20.35 -12.25 20.54
C GLU A 345 -19.03 -12.33 21.27
N ALA A 346 -18.77 -11.36 22.17
CA ALA A 346 -17.54 -11.28 22.95
C ALA A 346 -17.37 -12.51 23.84
N GLN A 347 -18.46 -12.95 24.49
CA GLN A 347 -18.48 -14.12 25.35
C GLN A 347 -18.07 -15.37 24.56
N THR A 348 -18.65 -15.55 23.36
CA THR A 348 -18.38 -16.70 22.50
C THR A 348 -16.94 -16.65 21.97
N GLN A 349 -16.39 -15.45 21.73
CA GLN A 349 -14.98 -15.29 21.31
C GLN A 349 -14.03 -15.73 22.42
N ILE A 350 -14.30 -15.33 23.69
CA ILE A 350 -13.49 -15.69 24.85
C ILE A 350 -13.51 -17.20 24.94
N PHE A 351 -14.73 -17.81 24.87
CA PHE A 351 -14.92 -19.26 24.91
C PHE A 351 -14.13 -20.00 23.84
N LYS A 352 -14.14 -19.47 22.60
CA LYS A 352 -13.41 -20.06 21.48
C LYS A 352 -11.91 -19.98 21.72
N ALA A 353 -11.41 -18.81 22.13
CA ALA A 353 -9.99 -18.59 22.41
C ALA A 353 -9.50 -19.49 23.55
N MET A 354 -10.29 -19.61 24.64
CA MET A 354 -9.98 -20.45 25.80
C MET A 354 -9.94 -21.91 25.41
N SER A 355 -10.87 -22.32 24.53
CA SER A 355 -10.96 -23.69 24.01
C SER A 355 -9.72 -24.07 23.24
N HIS A 356 -9.17 -23.15 22.44
CA HIS A 356 -7.97 -23.40 21.66
C HIS A 356 -6.71 -23.43 22.53
N ARG A 357 -6.61 -22.49 23.50
CA ARG A 357 -5.48 -22.41 24.44
C ARG A 357 -5.40 -23.70 25.26
N VAL A 358 -6.54 -24.12 25.88
CA VAL A 358 -6.66 -25.35 26.66
C VAL A 358 -6.27 -26.58 25.81
N HIS A 359 -6.83 -26.69 24.58
CA HIS A 359 -6.55 -27.77 23.65
C HIS A 359 -5.08 -27.92 23.34
N ILE A 360 -4.40 -26.84 22.89
CA ILE A 360 -2.99 -26.79 22.49
C ILE A 360 -2.07 -27.17 23.66
N ASP A 361 -2.26 -26.53 24.84
CA ASP A 361 -1.49 -26.78 26.06
C ASP A 361 -1.60 -28.23 26.51
N SER A 362 -2.83 -28.77 26.55
CA SER A 362 -3.07 -30.16 26.96
C SER A 362 -2.47 -31.13 25.96
N SER A 363 -2.55 -30.80 24.67
CA SER A 363 -2.02 -31.62 23.61
C SER A 363 -0.48 -31.67 23.61
N ILE A 364 0.22 -30.53 23.87
CA ILE A 364 1.70 -30.58 23.93
C ILE A 364 2.08 -31.35 25.18
N LYS A 365 1.43 -31.03 26.33
CA LYS A 365 1.63 -31.65 27.64
C LYS A 365 1.58 -33.17 27.53
N LEU A 366 0.63 -33.69 26.71
CA LEU A 366 0.44 -35.10 26.40
C LEU A 366 1.65 -35.66 25.66
N ILE A 367 1.95 -35.17 24.44
CA ILE A 367 3.07 -35.59 23.58
C ILE A 367 4.39 -35.79 24.39
N GLY A 368 4.62 -34.91 25.37
CA GLY A 368 5.79 -34.94 26.26
C GLY A 368 5.80 -36.10 27.22
N LYS A 369 4.62 -36.46 27.76
CA LYS A 369 4.47 -37.60 28.67
C LYS A 369 4.49 -38.89 27.82
N LEU A 370 3.75 -38.88 26.70
CA LEU A 370 3.62 -39.95 25.71
C LEU A 370 4.94 -40.34 25.06
N LEU A 371 5.89 -39.40 24.97
CA LEU A 371 7.19 -39.61 24.34
C LEU A 371 8.28 -40.11 25.29
N PHE A 372 8.22 -39.75 26.60
CA PHE A 372 9.26 -40.16 27.56
C PHE A 372 8.77 -40.91 28.81
N GLY A 373 7.59 -40.55 29.30
CA GLY A 373 7.00 -41.08 30.54
C GLY A 373 6.72 -39.93 31.49
N ILE A 374 6.08 -40.20 32.63
CA ILE A 374 5.72 -39.15 33.61
C ILE A 374 6.72 -39.11 34.80
N GLU A 375 7.39 -40.25 35.07
CA GLU A 375 8.32 -40.55 36.18
C GLU A 375 9.57 -39.61 36.36
N LYS A 376 10.55 -40.06 37.18
CA LYS A 376 11.82 -39.41 37.51
C LYS A 376 12.69 -39.21 36.26
N CYS A 377 13.10 -37.94 36.01
CA CYS A 377 13.93 -37.50 34.87
C CYS A 377 13.25 -37.70 33.49
N THR A 378 11.88 -37.71 33.43
CA THR A 378 11.17 -37.90 32.15
C THR A 378 10.30 -36.68 31.73
N GLU A 379 10.29 -35.56 32.51
CA GLU A 379 9.57 -34.35 32.10
C GLU A 379 10.52 -33.17 31.89
N ILE A 380 11.45 -33.40 30.92
CA ILE A 380 12.52 -32.53 30.42
C ILE A 380 11.99 -31.50 29.39
N LEU A 381 10.65 -31.28 29.35
CA LEU A 381 10.01 -30.28 28.49
C LEU A 381 10.24 -28.90 29.13
N ASN A 382 10.57 -28.93 30.43
CA ASN A 382 10.91 -27.77 31.25
C ASN A 382 12.44 -27.65 31.36
N ALA A 383 13.16 -28.16 30.33
CA ALA A 383 14.62 -28.10 30.24
C ALA A 383 15.05 -26.65 30.04
N VAL A 384 16.04 -26.25 30.83
CA VAL A 384 16.60 -24.91 30.76
C VAL A 384 17.95 -24.97 30.02
N ARG A 385 18.03 -24.35 28.81
CA ARG A 385 19.26 -24.29 28.02
C ARG A 385 20.26 -23.42 28.75
N PRO A 386 21.53 -23.90 28.94
CA PRO A 386 22.52 -23.09 29.66
C PRO A 386 22.79 -21.73 29.00
N ALA A 387 23.10 -20.73 29.84
CA ALA A 387 23.39 -19.36 29.43
C ALA A 387 24.47 -19.30 28.35
N GLY A 388 24.19 -18.53 27.30
CA GLY A 388 25.10 -18.32 26.18
C GLY A 388 25.17 -19.40 25.12
N GLN A 389 24.27 -20.40 25.20
CA GLN A 389 24.15 -21.49 24.24
C GLN A 389 22.97 -21.23 23.30
N PRO A 390 22.99 -21.67 22.01
CA PRO A 390 21.81 -21.41 21.13
C PRO A 390 20.64 -22.27 21.59
N LEU A 391 19.42 -21.92 21.17
CA LEU A 391 18.24 -22.70 21.56
C LEU A 391 18.32 -24.18 21.15
N VAL A 392 18.79 -24.41 19.93
CA VAL A 392 18.85 -25.71 19.31
C VAL A 392 20.14 -25.76 18.48
N ASP A 393 20.55 -26.97 18.06
CA ASP A 393 21.71 -27.18 17.19
C ASP A 393 21.23 -27.47 15.74
N ASP A 394 20.17 -28.30 15.59
CA ASP A 394 19.56 -28.60 14.30
C ASP A 394 18.22 -27.85 14.16
N TRP A 395 18.29 -26.64 13.61
CA TRP A 395 17.16 -25.76 13.40
C TRP A 395 16.17 -26.33 12.38
N ALA A 396 16.69 -27.01 11.33
CA ALA A 396 15.88 -27.67 10.31
C ALA A 396 15.00 -28.75 10.97
N CYS A 397 15.53 -29.41 12.03
CA CYS A 397 14.83 -30.42 12.80
C CYS A 397 13.78 -29.78 13.68
N LEU A 398 14.09 -28.62 14.32
CA LEU A 398 13.13 -27.89 15.15
C LEU A 398 11.92 -27.52 14.26
N ARG A 399 12.19 -27.04 13.04
CA ARG A 399 11.15 -26.67 12.08
C ARG A 399 10.28 -27.86 11.68
N SER A 400 10.91 -29.02 11.39
CA SER A 400 10.19 -30.25 11.02
C SER A 400 9.30 -30.78 12.15
N LEU A 401 9.76 -30.64 13.39
CA LEU A 401 9.04 -31.10 14.60
C LEU A 401 7.82 -30.20 14.89
N VAL A 402 7.96 -28.87 14.66
CA VAL A 402 6.88 -27.90 14.79
C VAL A 402 5.85 -28.19 13.69
N GLY A 403 6.36 -28.48 12.49
CA GLY A 403 5.56 -28.85 11.33
C GLY A 403 4.70 -30.07 11.59
N THR A 404 5.31 -31.18 12.07
CA THR A 404 4.55 -32.41 12.37
C THR A 404 3.54 -32.16 13.48
N PHE A 405 3.85 -31.36 14.53
CA PHE A 405 2.84 -31.08 15.56
C PHE A 405 1.61 -30.45 14.90
N GLU A 406 1.81 -29.40 14.10
CA GLU A 406 0.76 -28.64 13.43
C GLU A 406 -0.13 -29.47 12.50
N THR A 407 0.46 -30.36 11.69
CA THR A 407 -0.27 -31.20 10.74
C THR A 407 -1.10 -32.30 11.41
N HIS A 408 -0.92 -32.52 12.72
CA HIS A 408 -1.63 -33.54 13.49
C HIS A 408 -2.52 -32.97 14.60
N CYS A 409 -2.05 -31.92 15.30
CA CYS A 409 -2.66 -31.35 16.49
C CYS A 409 -3.28 -29.95 16.39
N GLY A 410 -3.06 -29.28 15.27
CA GLY A 410 -3.57 -27.91 15.08
C GLY A 410 -2.47 -26.88 15.04
N SER A 411 -2.80 -25.66 14.60
CA SER A 411 -1.83 -24.59 14.42
C SER A 411 -1.28 -23.94 15.69
N LEU A 412 0.04 -23.72 15.69
CA LEU A 412 0.85 -23.02 16.68
C LEU A 412 1.07 -21.59 16.09
N SER A 413 0.00 -21.03 15.49
CA SER A 413 0.00 -19.82 14.69
C SER A 413 -0.16 -18.46 15.44
N GLU A 414 0.12 -18.38 16.73
CA GLU A 414 0.15 -17.11 17.48
C GLU A 414 0.24 -17.44 18.92
N TYR A 415 -0.75 -18.18 19.41
CA TYR A 415 -0.72 -18.63 20.80
C TYR A 415 0.29 -19.78 20.89
N GLY A 416 0.10 -20.83 20.09
CA GLY A 416 0.93 -22.01 20.08
C GLY A 416 2.42 -21.77 20.04
N MET A 417 2.82 -20.67 19.37
CA MET A 417 4.19 -20.19 19.24
C MET A 417 4.93 -20.27 20.58
N ARG A 418 4.24 -20.04 21.72
CA ARG A 418 4.87 -20.12 23.05
C ARG A 418 5.53 -21.47 23.30
N HIS A 419 4.98 -22.54 22.73
CA HIS A 419 5.48 -23.90 22.85
C HIS A 419 6.69 -24.24 21.95
N THR A 420 7.36 -23.24 21.36
CA THR A 420 8.52 -23.50 20.50
C THR A 420 9.71 -24.00 21.33
N ARG A 421 9.77 -23.60 22.62
CA ARG A 421 10.83 -24.03 23.53
C ARG A 421 10.62 -25.50 23.88
N THR A 422 9.37 -25.91 24.20
CA THR A 422 9.04 -27.31 24.51
C THR A 422 9.47 -28.23 23.37
N ILE A 423 9.14 -27.87 22.15
CA ILE A 423 9.49 -28.63 20.96
C ILE A 423 11.02 -28.58 20.71
N ALA A 424 11.70 -27.48 21.10
CA ALA A 424 13.16 -27.39 20.95
C ALA A 424 13.85 -28.38 21.90
N ASN A 425 13.33 -28.50 23.14
CA ASN A 425 13.83 -29.42 24.15
C ASN A 425 13.63 -30.86 23.69
N ILE A 426 12.50 -31.13 22.97
CA ILE A 426 12.16 -32.42 22.34
C ILE A 426 13.18 -32.70 21.21
N CYS A 427 13.49 -31.67 20.40
CA CYS A 427 14.48 -31.70 19.32
C CYS A 427 15.89 -32.05 19.90
N ASN A 428 16.32 -31.31 20.96
CA ASN A 428 17.58 -31.49 21.65
C ASN A 428 17.72 -32.87 22.34
N ALA A 429 16.58 -33.46 22.76
CA ALA A 429 16.52 -34.79 23.38
C ALA A 429 16.83 -35.91 22.36
N GLY A 430 16.88 -35.54 21.07
CA GLY A 430 17.20 -36.44 19.97
C GLY A 430 16.02 -37.09 19.26
N ILE A 431 14.79 -36.62 19.56
CA ILE A 431 13.55 -37.12 18.94
C ILE A 431 13.55 -36.73 17.47
N SER A 432 13.20 -37.69 16.60
CA SER A 432 13.15 -37.53 15.16
C SER A 432 11.74 -37.12 14.71
N GLU A 433 11.61 -36.70 13.44
CA GLU A 433 10.35 -36.31 12.79
C GLU A 433 9.37 -37.51 12.78
N GLU A 434 9.91 -38.72 12.58
CA GLU A 434 9.20 -40.01 12.59
C GLU A 434 8.59 -40.24 13.99
N GLN A 435 9.44 -40.12 15.03
CA GLN A 435 9.11 -40.29 16.45
C GLN A 435 8.06 -39.26 16.93
N MET A 436 8.24 -37.97 16.54
CA MET A 436 7.35 -36.85 16.87
C MET A 436 5.93 -37.07 16.28
N ALA A 437 5.83 -37.26 14.95
CA ALA A 437 4.57 -37.50 14.23
C ALA A 437 3.78 -38.66 14.83
N GLU A 438 4.50 -39.74 15.26
CA GLU A 438 3.91 -40.91 15.90
C GLU A 438 3.25 -40.51 17.23
N ALA A 439 4.00 -39.84 18.11
CA ALA A 439 3.51 -39.36 19.42
C ALA A 439 2.35 -38.36 19.25
N ALA A 440 2.47 -37.41 18.29
CA ALA A 440 1.44 -36.41 18.01
C ALA A 440 0.13 -37.04 17.54
N SER A 441 0.24 -38.02 16.60
CA SER A 441 -0.87 -38.79 16.01
C SER A 441 -1.82 -39.37 17.06
N GLN A 442 -1.28 -39.89 18.18
CA GLN A 442 -2.09 -40.48 19.26
C GLN A 442 -2.70 -39.44 20.20
N ALA A 443 -1.91 -38.40 20.57
CA ALA A 443 -2.33 -37.34 21.49
C ALA A 443 -3.48 -36.48 20.95
N CYS A 444 -3.66 -36.43 19.61
CA CYS A 444 -4.72 -35.64 19.00
C CYS A 444 -5.71 -36.49 18.22
N ALA A 445 -6.09 -37.63 18.84
CA ALA A 445 -7.07 -38.58 18.32
C ALA A 445 -8.47 -38.11 18.72
N SER A 446 -9.28 -37.77 17.70
CA SER A 446 -10.66 -37.31 17.83
C SER A 446 -11.64 -38.47 18.00
N VAL B 28 -19.32 25.51 7.98
CA VAL B 28 -18.37 24.75 7.16
C VAL B 28 -18.28 23.32 7.70
N GLY B 29 -17.84 22.40 6.85
CA GLY B 29 -17.65 21.01 7.26
C GLY B 29 -16.23 20.53 7.05
N THR B 30 -16.09 19.38 6.41
CA THR B 30 -14.82 18.73 6.10
C THR B 30 -14.59 18.75 4.57
N ARG B 31 -13.35 19.01 4.16
CA ARG B 31 -12.98 18.97 2.75
C ARG B 31 -12.40 17.57 2.49
N TRP B 32 -13.01 16.83 1.55
CA TRP B 32 -12.56 15.50 1.14
C TRP B 32 -12.02 15.57 -0.28
N ALA B 33 -11.13 14.62 -0.63
CA ALA B 33 -10.61 14.46 -1.97
C ALA B 33 -10.46 12.99 -2.29
N VAL B 34 -10.58 12.65 -3.59
CA VAL B 34 -10.32 11.34 -4.19
C VAL B 34 -9.36 11.63 -5.34
N LEU B 35 -8.16 11.03 -5.30
CA LEU B 35 -7.15 11.21 -6.32
C LEU B 35 -6.86 9.85 -6.91
N ILE B 36 -7.05 9.69 -8.25
CA ILE B 36 -6.88 8.39 -8.91
C ILE B 36 -6.16 8.46 -10.27
N ALA B 37 -5.07 7.69 -10.39
CA ALA B 37 -4.32 7.45 -11.63
C ALA B 37 -4.92 6.13 -12.16
N GLY B 38 -5.56 6.21 -13.32
CA GLY B 38 -6.25 5.08 -13.92
C GLY B 38 -5.41 4.12 -14.74
N SER B 39 -4.07 4.29 -14.75
CA SER B 39 -3.10 3.47 -15.52
C SER B 39 -1.99 2.89 -14.69
N LYS B 40 -1.20 2.00 -15.30
CA LYS B 40 0.03 1.39 -14.80
C LYS B 40 1.10 1.42 -15.93
N GLY B 41 2.32 1.00 -15.61
CA GLY B 41 3.44 0.96 -16.54
C GLY B 41 4.25 2.23 -16.47
N TYR B 42 5.59 2.09 -16.52
CA TYR B 42 6.54 3.22 -16.47
C TYR B 42 6.22 4.34 -17.46
N ALA B 43 5.76 3.99 -18.66
CA ALA B 43 5.38 4.95 -19.72
C ALA B 43 4.30 5.94 -19.26
N ASN B 44 3.36 5.47 -18.41
CA ASN B 44 2.28 6.25 -17.82
C ASN B 44 2.70 7.02 -16.53
N TYR B 45 4.03 7.17 -16.33
CA TYR B 45 4.67 7.92 -15.25
C TYR B 45 3.83 9.15 -14.81
N ARG B 46 3.42 9.95 -15.79
CA ARG B 46 2.72 11.23 -15.69
C ARG B 46 1.41 11.17 -14.91
N HIS B 47 0.63 10.10 -15.04
CA HIS B 47 -0.65 9.99 -14.35
C HIS B 47 -0.46 9.90 -12.82
N GLN B 48 0.51 9.07 -12.38
CA GLN B 48 0.83 8.93 -10.96
C GLN B 48 1.56 10.14 -10.42
N ALA B 49 2.40 10.78 -11.26
CA ALA B 49 3.09 12.03 -10.94
C ALA B 49 2.08 13.12 -10.65
N GLY B 50 1.01 13.21 -11.49
CA GLY B 50 -0.09 14.16 -11.33
C GLY B 50 -0.87 13.96 -10.04
N VAL B 51 -1.07 12.69 -9.64
CA VAL B 51 -1.81 12.33 -8.41
C VAL B 51 -0.98 12.74 -7.17
N CYS B 52 0.34 12.43 -7.14
CA CYS B 52 1.27 12.84 -6.08
C CYS B 52 1.31 14.34 -5.99
N HIS B 53 1.33 15.04 -7.15
CA HIS B 53 1.35 16.51 -7.19
C HIS B 53 0.04 17.07 -6.59
N ALA B 54 -1.14 16.55 -6.99
CA ALA B 54 -2.43 16.98 -6.43
C ALA B 54 -2.48 16.82 -4.93
N TYR B 55 -1.83 15.75 -4.39
CA TYR B 55 -1.78 15.48 -2.95
C TYR B 55 -0.95 16.53 -2.22
N GLN B 56 0.19 16.92 -2.80
CA GLN B 56 1.03 17.96 -2.21
C GLN B 56 0.32 19.30 -2.15
N ILE B 57 -0.58 19.59 -3.13
CA ILE B 57 -1.40 20.82 -3.16
C ILE B 57 -2.38 20.83 -2.00
N LEU B 58 -3.16 19.75 -1.87
CA LEU B 58 -4.15 19.56 -0.81
C LEU B 58 -3.54 19.53 0.60
N LYS B 59 -2.39 18.85 0.78
CA LYS B 59 -1.68 18.81 2.07
C LYS B 59 -1.27 20.23 2.47
N ARG B 60 -0.69 21.01 1.52
CA ARG B 60 -0.29 22.41 1.69
C ARG B 60 -1.50 23.29 1.99
N GLY B 61 -2.65 22.94 1.39
CA GLY B 61 -3.94 23.61 1.54
C GLY B 61 -4.63 23.34 2.85
N GLY B 62 -4.12 22.35 3.60
CA GLY B 62 -4.63 22.01 4.92
C GLY B 62 -5.52 20.79 5.04
N LEU B 63 -5.74 20.05 3.95
CA LEU B 63 -6.56 18.85 3.97
C LEU B 63 -5.86 17.73 4.75
N LYS B 64 -6.64 16.97 5.53
CA LYS B 64 -6.11 15.90 6.37
C LYS B 64 -6.03 14.60 5.56
N ASP B 65 -4.95 13.81 5.77
CA ASP B 65 -4.73 12.52 5.08
C ASP B 65 -5.94 11.60 5.22
N GLU B 66 -6.66 11.68 6.32
CA GLU B 66 -7.83 10.83 6.54
C GLU B 66 -9.02 11.19 5.63
N ASN B 67 -8.93 12.32 4.91
CA ASN B 67 -9.98 12.79 4.02
C ASN B 67 -9.56 12.76 2.58
N ILE B 68 -8.31 12.34 2.33
CA ILE B 68 -7.74 12.23 0.99
C ILE B 68 -7.53 10.74 0.69
N VAL B 69 -8.34 10.19 -0.23
CA VAL B 69 -8.31 8.79 -0.67
C VAL B 69 -7.48 8.74 -1.94
N VAL B 70 -6.29 8.07 -1.87
CA VAL B 70 -5.35 7.94 -2.97
C VAL B 70 -5.32 6.55 -3.61
N PHE B 71 -5.60 6.49 -4.92
CA PHE B 71 -5.56 5.33 -5.78
C PHE B 71 -4.41 5.54 -6.75
N MET B 72 -3.34 4.79 -6.59
CA MET B 72 -2.21 4.88 -7.50
C MET B 72 -1.56 3.51 -7.54
N TYR B 73 -1.24 3.00 -8.76
CA TYR B 73 -0.68 1.66 -8.95
C TYR B 73 0.55 1.39 -8.12
N ASP B 74 1.41 2.40 -8.01
CA ASP B 74 2.62 2.47 -7.22
C ASP B 74 3.79 1.64 -7.83
N ASP B 75 3.86 1.65 -9.16
CA ASP B 75 4.86 0.91 -9.94
C ASP B 75 5.86 1.87 -10.60
N ILE B 76 5.85 3.17 -10.12
CA ILE B 76 6.71 4.20 -10.69
C ILE B 76 7.96 4.45 -9.86
N ALA B 77 7.83 4.86 -8.60
CA ALA B 77 8.97 5.22 -7.74
C ALA B 77 10.13 4.23 -7.73
N TYR B 78 9.86 2.93 -7.87
CA TYR B 78 10.89 1.89 -7.83
C TYR B 78 10.86 0.99 -9.06
N ASN B 79 10.41 1.57 -10.17
CA ASN B 79 10.43 0.91 -11.44
C ASN B 79 11.89 0.78 -11.82
N GLU B 80 12.19 -0.38 -12.42
CA GLU B 80 13.49 -0.78 -12.93
C GLU B 80 14.01 0.32 -13.88
N SER B 81 13.08 1.01 -14.61
CA SER B 81 13.40 2.09 -15.54
C SER B 81 13.47 3.48 -14.92
N ASN B 82 13.03 3.68 -13.69
CA ASN B 82 13.11 5.00 -13.06
C ASN B 82 14.58 5.38 -12.77
N PRO B 83 15.10 6.46 -13.39
CA PRO B 83 16.52 6.81 -13.16
C PRO B 83 16.79 7.40 -11.78
N ARG B 84 15.72 7.85 -11.07
CA ARG B 84 15.83 8.45 -9.73
C ARG B 84 14.98 7.61 -8.75
N PRO B 85 15.48 6.42 -8.30
CA PRO B 85 14.67 5.55 -7.44
C PRO B 85 14.22 6.17 -6.13
N GLY B 86 12.91 6.13 -5.90
CA GLY B 86 12.27 6.67 -4.71
C GLY B 86 11.66 8.04 -4.89
N VAL B 87 11.91 8.65 -6.06
CA VAL B 87 11.42 9.98 -6.41
C VAL B 87 10.55 9.92 -7.66
N ILE B 88 9.51 10.79 -7.67
CA ILE B 88 8.61 11.05 -8.78
C ILE B 88 8.54 12.58 -8.88
N ILE B 89 8.85 13.12 -10.08
CA ILE B 89 8.78 14.56 -10.37
C ILE B 89 7.66 14.82 -11.39
N ASN B 90 6.93 15.93 -11.25
CA ASN B 90 5.82 16.26 -12.18
C ASN B 90 6.16 17.41 -13.17
N SER B 91 7.43 17.83 -13.21
CA SER B 91 7.94 18.87 -14.13
C SER B 91 9.47 18.78 -14.15
N PRO B 92 10.18 19.19 -15.23
CA PRO B 92 11.66 19.18 -15.17
C PRO B 92 12.03 20.22 -14.13
N HIS B 93 13.08 19.97 -13.35
CA HIS B 93 13.51 20.89 -12.26
C HIS B 93 12.53 20.91 -11.09
N GLY B 94 11.41 20.19 -11.22
CA GLY B 94 10.45 20.03 -10.13
C GLY B 94 11.06 19.19 -9.03
N SER B 95 10.61 19.38 -7.81
CA SER B 95 11.08 18.62 -6.67
C SER B 95 10.27 17.31 -6.54
N ASP B 96 10.69 16.39 -5.63
CA ASP B 96 9.99 15.12 -5.37
C ASP B 96 8.56 15.36 -4.92
N VAL B 97 7.66 14.59 -5.49
CA VAL B 97 6.24 14.75 -5.22
C VAL B 97 5.68 13.43 -4.60
N TYR B 98 6.52 12.34 -4.59
CA TYR B 98 6.20 11.00 -4.06
C TYR B 98 6.26 10.87 -2.53
N ALA B 99 7.28 11.44 -1.86
CA ALA B 99 7.37 11.31 -0.40
C ALA B 99 6.19 12.00 0.28
N GLY B 100 5.66 11.33 1.30
CA GLY B 100 4.52 11.79 2.12
C GLY B 100 3.14 11.44 1.60
N VAL B 101 3.05 10.92 0.37
CA VAL B 101 1.77 10.60 -0.28
C VAL B 101 1.09 9.34 0.36
N PRO B 102 -0.21 9.42 0.75
CA PRO B 102 -0.88 8.25 1.30
C PRO B 102 -1.11 7.20 0.22
N LYS B 103 -1.20 5.92 0.59
CA LYS B 103 -1.44 4.86 -0.37
C LYS B 103 -2.61 4.08 0.17
N ASP B 104 -3.79 4.48 -0.29
CA ASP B 104 -5.01 3.76 0.10
C ASP B 104 -5.29 2.54 -0.76
N TYR B 105 -5.08 2.63 -2.05
CA TYR B 105 -5.36 1.53 -2.98
C TYR B 105 -4.28 1.54 -4.01
N THR B 106 -3.45 0.51 -4.00
CA THR B 106 -2.34 0.34 -4.92
C THR B 106 -2.50 -0.99 -5.69
N GLY B 107 -1.73 -1.17 -6.75
CA GLY B 107 -1.79 -2.40 -7.52
C GLY B 107 -3.17 -2.66 -8.08
N GLU B 108 -3.64 -3.90 -8.02
CA GLU B 108 -4.94 -4.25 -8.59
C GLU B 108 -6.13 -3.75 -7.73
N GLU B 109 -5.85 -3.07 -6.59
CA GLU B 109 -6.88 -2.43 -5.76
C GLU B 109 -7.35 -1.17 -6.50
N VAL B 110 -6.54 -0.67 -7.45
CA VAL B 110 -6.91 0.45 -8.29
C VAL B 110 -7.86 -0.09 -9.35
N ASN B 111 -9.17 -0.05 -9.05
CA ASN B 111 -10.19 -0.61 -9.94
C ASN B 111 -11.51 0.18 -9.83
N ALA B 112 -12.42 0.01 -10.81
CA ALA B 112 -13.68 0.75 -10.91
C ALA B 112 -14.57 0.54 -9.73
N LYS B 113 -14.72 -0.72 -9.27
CA LYS B 113 -15.55 -1.07 -8.12
C LYS B 113 -15.11 -0.33 -6.85
N ASN B 114 -13.80 -0.35 -6.54
CA ASN B 114 -13.20 0.32 -5.38
C ASN B 114 -13.27 1.83 -5.49
N PHE B 115 -13.13 2.36 -6.74
CA PHE B 115 -13.20 3.81 -6.99
C PHE B 115 -14.60 4.30 -6.73
N LEU B 116 -15.61 3.60 -7.25
CA LEU B 116 -17.01 3.96 -7.01
C LEU B 116 -17.38 3.78 -5.56
N ALA B 117 -16.87 2.73 -4.88
CA ALA B 117 -17.14 2.49 -3.45
C ALA B 117 -16.50 3.54 -2.57
N ALA B 118 -15.28 4.02 -2.91
CA ALA B 118 -14.62 5.08 -2.14
C ALA B 118 -15.43 6.37 -2.27
N ILE B 119 -15.95 6.68 -3.47
CA ILE B 119 -16.78 7.88 -3.71
C ILE B 119 -18.02 7.82 -2.82
N LEU B 120 -18.74 6.69 -2.88
CA LEU B 120 -19.99 6.45 -2.20
C LEU B 120 -19.90 6.30 -0.67
N GLY B 121 -18.68 6.14 -0.15
CA GLY B 121 -18.43 6.02 1.29
C GLY B 121 -18.83 4.66 1.82
N ASN B 122 -18.94 3.65 0.94
CA ASN B 122 -19.38 2.30 1.27
C ASN B 122 -18.22 1.31 1.48
N LYS B 123 -17.72 1.17 2.73
CA LYS B 123 -16.59 0.28 3.01
C LYS B 123 -16.87 -1.21 2.71
N SER B 124 -18.13 -1.66 2.83
CA SER B 124 -18.49 -3.05 2.58
C SER B 124 -18.24 -3.51 1.13
N ALA B 125 -18.24 -2.56 0.19
CA ALA B 125 -18.01 -2.78 -1.25
C ALA B 125 -16.52 -2.70 -1.70
N ILE B 126 -15.62 -2.32 -0.78
CA ILE B 126 -14.18 -2.24 -1.03
C ILE B 126 -13.58 -3.65 -0.93
N THR B 127 -12.55 -3.95 -1.74
CA THR B 127 -11.79 -5.20 -1.71
C THR B 127 -10.32 -4.80 -1.64
N GLY B 128 -9.68 -5.10 -0.53
CA GLY B 128 -8.27 -4.76 -0.28
C GLY B 128 -8.09 -3.29 0.02
N GLY B 129 -6.85 -2.86 0.13
CA GLY B 129 -6.53 -1.46 0.42
C GLY B 129 -6.72 -1.13 1.87
N SER B 130 -6.48 0.12 2.25
CA SER B 130 -6.61 0.60 3.62
C SER B 130 -8.05 0.51 4.15
N GLY B 131 -9.03 0.74 3.29
CA GLY B 131 -10.43 0.73 3.67
C GLY B 131 -10.99 2.13 3.84
N LYS B 132 -10.17 3.13 3.53
CA LYS B 132 -10.53 4.54 3.58
C LYS B 132 -11.53 4.82 2.45
N VAL B 133 -12.65 5.46 2.78
CA VAL B 133 -13.70 5.82 1.84
C VAL B 133 -14.16 7.25 2.14
N VAL B 134 -14.95 7.86 1.24
CA VAL B 134 -15.48 9.21 1.47
C VAL B 134 -16.79 9.12 2.29
N ASP B 135 -16.64 8.93 3.60
CA ASP B 135 -17.76 8.84 4.56
C ASP B 135 -18.13 10.27 5.04
N SER B 136 -18.61 11.06 4.09
CA SER B 136 -18.95 12.47 4.20
C SER B 136 -20.38 12.76 4.68
N GLY B 137 -20.58 14.01 5.08
CA GLY B 137 -21.84 14.55 5.57
C GLY B 137 -22.38 15.67 4.68
N PRO B 138 -23.62 16.15 4.96
CA PRO B 138 -24.23 17.16 4.07
C PRO B 138 -23.57 18.55 4.02
N ASN B 139 -22.64 18.86 4.93
CA ASN B 139 -21.92 20.15 4.91
C ASN B 139 -20.53 20.03 4.29
N ASP B 140 -20.17 18.81 3.85
CA ASP B 140 -18.86 18.49 3.31
C ASP B 140 -18.69 18.79 1.86
N HIS B 141 -17.44 19.02 1.45
CA HIS B 141 -17.07 19.29 0.06
C HIS B 141 -16.20 18.19 -0.42
N ILE B 142 -16.41 17.78 -1.67
CA ILE B 142 -15.65 16.71 -2.30
C ILE B 142 -14.97 17.17 -3.54
N PHE B 143 -13.67 16.94 -3.64
CA PHE B 143 -12.88 17.20 -4.83
C PHE B 143 -12.40 15.84 -5.41
N ILE B 144 -12.83 15.48 -6.63
CA ILE B 144 -12.39 14.25 -7.29
C ILE B 144 -11.48 14.60 -8.40
N TYR B 145 -10.31 13.97 -8.45
CA TYR B 145 -9.37 14.13 -9.55
C TYR B 145 -8.96 12.77 -10.12
N TYR B 146 -9.28 12.58 -11.40
CA TYR B 146 -8.93 11.39 -12.13
C TYR B 146 -8.04 11.78 -13.31
N THR B 147 -6.94 11.02 -13.52
CA THR B 147 -5.99 11.21 -14.65
C THR B 147 -5.52 9.86 -15.22
N ASP B 148 -5.60 9.69 -16.55
CA ASP B 148 -5.25 8.46 -17.26
C ASP B 148 -5.69 8.58 -18.68
N HIS B 149 -6.04 7.45 -19.28
CA HIS B 149 -6.53 7.26 -20.63
C HIS B 149 -8.06 7.24 -20.63
N GLY B 150 -8.58 7.61 -21.76
CA GLY B 150 -10.01 7.61 -21.95
C GLY B 150 -10.28 7.57 -23.41
N ALA B 151 -11.54 7.31 -23.72
CA ALA B 151 -12.08 7.32 -25.06
C ALA B 151 -13.53 7.75 -24.88
N ALA B 152 -14.29 7.73 -25.95
CA ALA B 152 -15.69 8.13 -25.91
C ALA B 152 -16.47 7.22 -24.98
N GLY B 153 -16.98 7.81 -23.91
CA GLY B 153 -17.81 7.18 -22.89
C GLY B 153 -17.12 6.23 -21.94
N VAL B 154 -15.76 6.23 -21.91
CA VAL B 154 -14.98 5.29 -21.09
C VAL B 154 -13.68 5.91 -20.59
N ILE B 155 -13.32 5.57 -19.36
CA ILE B 155 -12.03 5.92 -18.74
C ILE B 155 -11.36 4.61 -18.27
N GLY B 156 -10.06 4.55 -18.43
CA GLY B 156 -9.33 3.33 -18.11
C GLY B 156 -9.13 3.06 -16.63
N MET B 157 -8.83 1.80 -16.34
CA MET B 157 -8.41 1.31 -15.02
C MET B 157 -7.09 0.54 -15.34
N PRO B 158 -6.11 0.35 -14.40
CA PRO B 158 -4.87 -0.36 -14.77
C PRO B 158 -5.07 -1.71 -15.43
N SER B 159 -6.21 -2.34 -15.18
CA SER B 159 -6.64 -3.59 -15.82
C SER B 159 -8.15 -3.46 -16.01
N LYS B 160 -8.72 -4.19 -16.97
CA LYS B 160 -10.16 -4.17 -17.21
C LYS B 160 -10.88 -4.81 -16.00
N PRO B 161 -12.13 -4.44 -15.66
CA PRO B 161 -13.05 -3.56 -16.39
C PRO B 161 -12.75 -2.06 -16.31
N TYR B 162 -13.05 -1.37 -17.39
CA TYR B 162 -12.95 0.04 -17.54
C TYR B 162 -14.21 0.70 -16.96
N LEU B 163 -14.20 2.01 -16.74
CA LEU B 163 -15.34 2.72 -16.18
C LEU B 163 -16.02 3.57 -17.28
N TYR B 164 -17.26 3.21 -17.64
CA TYR B 164 -18.09 3.85 -18.66
C TYR B 164 -18.87 5.00 -18.06
N ALA B 165 -19.24 5.99 -18.89
CA ALA B 165 -19.96 7.19 -18.46
C ALA B 165 -21.25 6.93 -17.66
N ASP B 166 -22.02 5.89 -18.01
CA ASP B 166 -23.26 5.56 -17.30
C ASP B 166 -22.99 5.03 -15.91
N GLU B 167 -22.00 4.12 -15.76
CA GLU B 167 -21.59 3.50 -14.52
C GLU B 167 -21.17 4.59 -13.52
N LEU B 168 -20.34 5.55 -13.98
CA LEU B 168 -19.82 6.66 -13.16
C LEU B 168 -20.91 7.63 -12.76
N ASN B 169 -21.74 8.07 -13.72
CA ASN B 169 -22.81 9.02 -13.45
C ASN B 169 -23.91 8.44 -12.57
N ASP B 170 -24.08 7.11 -12.57
CA ASP B 170 -25.02 6.44 -11.68
C ASP B 170 -24.51 6.51 -10.24
N ALA B 171 -23.17 6.35 -10.04
CA ALA B 171 -22.52 6.45 -8.72
C ALA B 171 -22.67 7.88 -8.14
N LEU B 172 -22.49 8.90 -8.99
CA LEU B 172 -22.68 10.30 -8.59
C LEU B 172 -24.16 10.64 -8.29
N LYS B 173 -25.10 9.98 -8.99
CA LYS B 173 -26.54 10.16 -8.76
C LYS B 173 -26.92 9.58 -7.39
N LYS B 174 -26.33 8.41 -7.04
CA LYS B 174 -26.56 7.72 -5.76
C LYS B 174 -25.94 8.51 -4.63
N LYS B 175 -24.77 9.14 -4.86
CA LYS B 175 -24.09 9.95 -3.85
C LYS B 175 -24.98 11.16 -3.53
N HIS B 176 -25.52 11.85 -4.56
CA HIS B 176 -26.43 12.99 -4.37
C HIS B 176 -27.70 12.58 -3.63
N ALA B 177 -28.31 11.43 -4.00
CA ALA B 177 -29.54 10.88 -3.40
C ALA B 177 -29.37 10.60 -1.90
N SER B 178 -28.14 10.30 -1.43
CA SER B 178 -27.87 10.06 -0.01
C SER B 178 -27.64 11.36 0.81
N GLY B 179 -27.55 12.51 0.14
CA GLY B 179 -27.32 13.82 0.75
C GLY B 179 -26.09 13.89 1.64
N THR B 180 -24.97 13.35 1.15
CA THR B 180 -23.72 13.26 1.90
C THR B 180 -22.64 14.22 1.40
N TYR B 181 -23.04 15.40 0.89
CA TYR B 181 -22.14 16.48 0.47
C TYR B 181 -22.95 17.75 0.21
N LYS B 182 -22.28 18.91 0.27
CA LYS B 182 -22.86 20.22 -0.02
C LYS B 182 -22.70 20.41 -1.55
N SER B 183 -21.44 20.28 -2.03
CA SER B 183 -21.09 20.35 -3.43
C SER B 183 -19.85 19.50 -3.71
N LEU B 184 -19.73 19.06 -4.97
CA LEU B 184 -18.65 18.22 -5.44
C LEU B 184 -18.06 18.83 -6.73
N VAL B 185 -16.71 18.81 -6.84
CA VAL B 185 -15.93 19.23 -8.00
C VAL B 185 -15.27 17.95 -8.52
N PHE B 186 -15.35 17.69 -9.83
CA PHE B 186 -14.75 16.52 -10.50
C PHE B 186 -13.85 17.04 -11.62
N TYR B 187 -12.53 16.81 -11.54
CA TYR B 187 -11.53 17.15 -12.58
C TYR B 187 -11.14 15.85 -13.26
N LEU B 188 -11.32 15.77 -14.59
CA LEU B 188 -11.05 14.53 -15.29
C LEU B 188 -10.12 14.74 -16.45
N GLU B 189 -8.95 14.09 -16.38
CA GLU B 189 -7.95 14.13 -17.44
C GLU B 189 -7.95 12.76 -18.18
N ALA B 190 -8.40 12.76 -19.42
CA ALA B 190 -8.46 11.63 -20.33
C ALA B 190 -8.88 12.13 -21.71
N CYS B 191 -8.56 11.37 -22.76
CA CYS B 191 -8.94 11.74 -24.11
C CYS B 191 -10.44 11.57 -24.22
N GLU B 192 -11.10 12.51 -24.92
CA GLU B 192 -12.55 12.53 -25.14
C GLU B 192 -13.31 12.58 -23.81
N SER B 193 -12.67 13.12 -22.75
CA SER B 193 -13.18 13.17 -21.37
C SER B 193 -14.58 13.85 -21.22
N GLY B 194 -14.91 14.79 -22.12
CA GLY B 194 -16.21 15.46 -22.11
C GLY B 194 -17.34 14.47 -22.32
N SER B 195 -17.06 13.38 -23.09
CA SER B 195 -18.01 12.29 -23.37
C SER B 195 -18.43 11.54 -22.10
N MET B 196 -17.76 11.79 -20.99
CA MET B 196 -18.07 11.14 -19.72
C MET B 196 -19.23 11.85 -19.06
N PHE B 197 -19.45 13.15 -19.40
CA PHE B 197 -20.51 13.91 -18.74
C PHE B 197 -21.59 14.46 -19.66
N GLU B 198 -21.24 14.76 -20.93
CA GLU B 198 -22.19 15.33 -21.88
C GLU B 198 -23.47 14.47 -22.06
N GLY B 199 -24.62 15.06 -21.70
CA GLY B 199 -25.94 14.44 -21.78
C GLY B 199 -26.20 13.39 -20.73
N ILE B 200 -25.30 13.28 -19.73
CA ILE B 200 -25.44 12.31 -18.65
C ILE B 200 -25.46 13.05 -17.34
N LEU B 201 -24.39 13.84 -17.05
CA LEU B 201 -24.32 14.62 -15.82
C LEU B 201 -25.41 15.70 -15.74
N PRO B 202 -26.37 15.52 -14.79
CA PRO B 202 -27.42 16.54 -14.55
C PRO B 202 -26.84 17.80 -13.92
N GLU B 203 -27.46 18.94 -14.19
CA GLU B 203 -27.07 20.23 -13.64
C GLU B 203 -27.66 20.48 -12.22
N ASP B 204 -28.52 19.55 -11.71
CA ASP B 204 -29.21 19.63 -10.41
C ASP B 204 -28.62 18.75 -9.25
N LEU B 205 -27.41 18.21 -9.42
CA LEU B 205 -26.79 17.36 -8.41
C LEU B 205 -25.80 18.08 -7.50
N ASN B 206 -25.52 19.37 -7.79
CA ASN B 206 -24.54 20.19 -7.03
C ASN B 206 -23.14 19.69 -7.32
N ILE B 207 -22.95 19.24 -8.57
CA ILE B 207 -21.70 18.71 -9.10
C ILE B 207 -21.26 19.61 -10.22
N TYR B 208 -19.98 19.99 -10.18
CA TYR B 208 -19.29 20.77 -11.19
C TYR B 208 -18.15 19.91 -11.74
N ALA B 209 -18.12 19.68 -13.06
CA ALA B 209 -17.08 18.87 -13.66
C ALA B 209 -16.22 19.69 -14.60
N LEU B 210 -14.93 19.40 -14.64
CA LEU B 210 -13.99 20.04 -15.54
C LEU B 210 -13.19 18.92 -16.24
N THR B 211 -13.40 18.79 -17.55
CA THR B 211 -12.72 17.79 -18.36
C THR B 211 -11.56 18.45 -19.11
N SER B 212 -10.49 17.67 -19.40
CA SER B 212 -9.30 18.11 -20.12
C SER B 212 -9.61 18.45 -21.58
N THR B 213 -10.55 17.72 -22.18
CA THR B 213 -10.97 17.88 -23.57
C THR B 213 -12.50 17.94 -23.73
N ASN B 214 -12.92 18.08 -25.00
CA ASN B 214 -14.27 18.05 -25.61
C ASN B 214 -14.75 16.60 -25.53
N THR B 215 -15.89 16.35 -26.15
CA THR B 215 -16.47 15.03 -26.36
C THR B 215 -15.62 14.22 -27.35
N THR B 216 -14.91 14.88 -28.31
CA THR B 216 -14.18 14.21 -29.40
C THR B 216 -12.64 14.41 -29.45
N GLU B 217 -12.11 15.48 -28.86
CA GLU B 217 -10.67 15.76 -28.87
C GLU B 217 -9.82 14.78 -28.04
N SER B 218 -8.50 14.87 -28.27
CA SER B 218 -7.45 14.17 -27.57
C SER B 218 -6.73 15.14 -26.67
N SER B 219 -6.24 14.66 -25.54
CA SER B 219 -5.46 15.46 -24.59
C SER B 219 -3.99 15.27 -24.93
N TRP B 220 -3.17 16.22 -24.54
CA TRP B 220 -1.76 16.18 -24.86
C TRP B 220 -0.88 16.12 -23.63
N CYS B 221 0.28 15.49 -23.79
CA CYS B 221 1.29 15.41 -22.73
C CYS B 221 2.09 16.67 -22.74
N TYR B 222 2.85 16.84 -21.69
CA TYR B 222 3.72 17.97 -21.51
C TYR B 222 4.93 17.48 -20.76
N TYR B 223 6.06 18.23 -20.88
CA TYR B 223 7.35 17.91 -20.23
C TYR B 223 7.84 16.59 -20.78
N CYS B 224 7.83 16.50 -22.12
CA CYS B 224 8.19 15.32 -22.89
C CYS B 224 9.55 15.45 -23.46
N PRO B 225 10.34 14.33 -23.57
CA PRO B 225 11.68 14.41 -24.17
C PRO B 225 11.72 15.16 -25.50
N ALA B 226 10.77 14.86 -26.43
CA ALA B 226 10.68 15.54 -27.75
C ALA B 226 9.65 16.70 -27.70
N GLN B 227 10.02 17.81 -27.01
CA GLN B 227 9.16 18.99 -26.79
C GLN B 227 9.91 20.23 -26.27
N GLU B 228 9.16 21.33 -26.04
CA GLU B 228 9.61 22.65 -25.54
C GLU B 228 10.52 22.54 -24.29
N ASN B 229 9.90 22.29 -23.11
CA ASN B 229 10.57 22.12 -21.80
C ASN B 229 10.76 20.60 -21.59
N PRO B 230 11.97 20.03 -21.85
CA PRO B 230 12.10 18.58 -21.74
C PRO B 230 12.53 18.10 -20.34
N PRO B 231 12.16 16.86 -19.94
CA PRO B 231 12.63 16.34 -18.65
C PRO B 231 14.15 16.16 -18.63
N PRO B 232 14.83 16.03 -17.43
CA PRO B 232 16.28 15.76 -17.42
C PRO B 232 16.70 14.61 -18.38
N PRO B 233 17.92 14.64 -19.00
CA PRO B 233 18.27 13.62 -20.03
C PRO B 233 18.06 12.14 -19.65
N GLU B 234 18.10 11.82 -18.33
CA GLU B 234 17.91 10.48 -17.78
C GLU B 234 16.51 9.94 -18.06
N TYR B 235 15.49 10.83 -18.13
CA TYR B 235 14.08 10.49 -18.39
C TYR B 235 13.75 10.32 -19.88
N ASN B 236 13.07 9.20 -20.21
CA ASN B 236 12.64 8.90 -21.58
C ASN B 236 11.12 8.73 -21.62
N VAL B 237 10.47 9.48 -20.73
CA VAL B 237 9.04 9.45 -20.51
C VAL B 237 8.50 10.88 -20.28
N CYS B 238 7.20 11.17 -20.62
CA CYS B 238 6.55 12.48 -20.37
C CYS B 238 6.32 12.61 -18.87
N LEU B 239 6.67 13.76 -18.28
CA LEU B 239 6.48 13.97 -16.85
C LEU B 239 5.06 14.41 -16.46
N GLY B 240 4.32 15.05 -17.38
CA GLY B 240 2.96 15.50 -17.10
C GLY B 240 2.01 15.40 -18.27
N ASP B 241 0.80 15.95 -18.08
CA ASP B 241 -0.29 16.11 -19.06
C ASP B 241 -0.56 17.60 -19.08
N LEU B 242 -0.88 18.15 -20.26
CA LEU B 242 -1.07 19.58 -20.37
C LEU B 242 -2.11 20.11 -19.44
N PHE B 243 -3.28 19.47 -19.41
CA PHE B 243 -4.37 19.91 -18.54
C PHE B 243 -4.05 19.79 -17.07
N SER B 244 -3.45 18.65 -16.68
CA SER B 244 -3.08 18.39 -15.30
C SER B 244 -2.04 19.39 -14.82
N VAL B 245 -0.93 19.48 -15.53
CA VAL B 245 0.17 20.38 -15.22
C VAL B 245 -0.34 21.82 -15.16
N ALA B 246 -1.30 22.17 -16.03
CA ALA B 246 -1.88 23.52 -16.09
C ALA B 246 -2.54 23.86 -14.78
N TRP B 247 -3.57 23.09 -14.37
CA TRP B 247 -4.29 23.34 -13.11
C TRP B 247 -3.43 23.10 -11.86
N LEU B 248 -2.51 22.12 -11.89
CA LEU B 248 -1.65 21.83 -10.74
C LEU B 248 -0.69 22.99 -10.50
N GLU B 249 -0.04 23.48 -11.58
CA GLU B 249 0.89 24.60 -11.50
C GLU B 249 0.17 25.89 -11.15
N ASP B 250 -1.08 26.04 -11.63
CA ASP B 250 -1.96 27.17 -11.35
C ASP B 250 -2.30 27.14 -9.85
N SER B 251 -2.66 25.96 -9.31
CA SER B 251 -2.95 25.76 -7.88
C SER B 251 -1.72 25.96 -6.96
N ASP B 252 -0.49 25.72 -7.45
CA ASP B 252 0.75 25.90 -6.70
C ASP B 252 1.04 27.37 -6.43
N VAL B 253 0.76 28.24 -7.43
CA VAL B 253 1.05 29.66 -7.35
C VAL B 253 -0.15 30.48 -6.86
N GLN B 254 -1.18 30.66 -7.71
CA GLN B 254 -2.35 31.49 -7.38
C GLN B 254 -3.11 31.03 -6.12
N ASN B 255 -3.29 32.01 -5.19
CA ASN B 255 -3.96 31.95 -3.89
C ASN B 255 -5.40 31.41 -4.00
N SER B 256 -5.76 30.43 -3.14
CA SER B 256 -7.08 29.76 -3.11
C SER B 256 -8.28 30.67 -2.76
N TRP B 257 -8.07 31.72 -1.92
CA TRP B 257 -9.09 32.72 -1.55
C TRP B 257 -9.21 33.73 -2.71
N TYR B 258 -8.07 34.05 -3.33
CA TYR B 258 -7.85 34.94 -4.47
C TYR B 258 -8.55 34.39 -5.73
N GLU B 259 -8.65 33.04 -5.86
CA GLU B 259 -9.12 32.37 -7.06
C GLU B 259 -10.39 31.56 -6.95
N THR B 260 -11.21 31.64 -8.00
CA THR B 260 -12.45 30.90 -8.15
C THR B 260 -12.23 29.76 -9.18
N LEU B 261 -13.18 28.81 -9.23
CA LEU B 261 -13.19 27.67 -10.17
C LEU B 261 -13.25 28.14 -11.60
N ASN B 262 -14.03 29.21 -11.86
CA ASN B 262 -14.16 29.84 -13.18
C ASN B 262 -12.84 30.47 -13.58
N GLN B 263 -12.17 31.20 -12.65
CA GLN B 263 -10.85 31.80 -12.89
C GLN B 263 -9.85 30.72 -13.26
N GLN B 264 -9.75 29.63 -12.45
CA GLN B 264 -8.84 28.51 -12.74
C GLN B 264 -9.13 27.90 -14.09
N TYR B 265 -10.43 27.71 -14.42
CA TYR B 265 -10.87 27.18 -15.72
C TYR B 265 -10.31 28.06 -16.86
N HIS B 266 -10.46 29.39 -16.72
CA HIS B 266 -9.94 30.35 -17.70
C HIS B 266 -8.41 30.31 -17.77
N HIS B 267 -7.70 30.18 -16.62
CA HIS B 267 -6.24 30.06 -16.64
C HIS B 267 -5.78 28.80 -17.39
N VAL B 268 -6.49 27.66 -17.23
CA VAL B 268 -6.12 26.43 -17.92
C VAL B 268 -6.53 26.53 -19.42
N ASP B 269 -7.72 27.07 -19.72
CA ASP B 269 -8.15 27.24 -21.11
C ASP B 269 -7.14 28.06 -21.91
N LYS B 270 -6.63 29.18 -21.33
CA LYS B 270 -5.62 30.04 -21.94
C LYS B 270 -4.33 29.25 -22.26
N ARG B 271 -3.85 28.45 -21.30
CA ARG B 271 -2.62 27.65 -21.42
C ARG B 271 -2.73 26.43 -22.35
N ILE B 272 -3.91 25.78 -22.43
CA ILE B 272 -4.14 24.52 -23.18
C ILE B 272 -4.88 24.68 -24.54
N SER B 273 -5.58 25.83 -24.82
CA SER B 273 -6.39 26.16 -26.03
C SER B 273 -5.97 25.50 -27.35
N HIS B 274 -4.67 25.54 -27.67
CA HIS B 274 -4.10 24.98 -28.90
C HIS B 274 -4.22 23.47 -29.01
N ALA B 275 -4.22 22.77 -27.84
CA ALA B 275 -4.26 21.32 -27.69
C ALA B 275 -5.67 20.77 -27.57
N SER B 276 -6.46 21.25 -26.57
CA SER B 276 -7.83 20.81 -26.30
C SER B 276 -8.66 21.90 -25.62
N HIS B 277 -9.97 21.69 -25.54
CA HIS B 277 -10.87 22.62 -24.87
C HIS B 277 -11.31 22.04 -23.54
N ALA B 278 -10.80 22.63 -22.45
CA ALA B 278 -11.23 22.23 -21.14
C ALA B 278 -12.73 22.59 -21.11
N THR B 279 -13.58 21.62 -20.77
CA THR B 279 -15.03 21.84 -20.78
C THR B 279 -15.61 21.68 -19.40
N GLN B 280 -16.56 22.56 -19.07
CA GLN B 280 -17.31 22.59 -17.82
C GLN B 280 -18.68 21.92 -17.99
N TYR B 281 -19.04 21.06 -17.02
CA TYR B 281 -20.28 20.29 -17.02
C TYR B 281 -20.95 20.43 -15.68
N GLY B 282 -22.23 20.09 -15.64
CA GLY B 282 -23.05 20.14 -14.42
C GLY B 282 -23.52 21.53 -14.11
N ASN B 283 -23.53 21.87 -12.81
CA ASN B 283 -23.93 23.17 -12.28
C ASN B 283 -22.74 24.14 -12.41
N LEU B 284 -22.78 25.01 -13.43
CA LEU B 284 -21.74 25.99 -13.73
C LEU B 284 -21.78 27.18 -12.76
N LYS B 285 -22.83 27.25 -11.92
CA LYS B 285 -23.01 28.28 -10.90
C LYS B 285 -21.93 28.09 -9.83
N LEU B 286 -21.52 26.82 -9.60
CA LEU B 286 -20.46 26.46 -8.66
C LEU B 286 -19.10 27.04 -9.05
N GLY B 287 -18.93 27.38 -10.34
CA GLY B 287 -17.71 27.98 -10.85
C GLY B 287 -17.35 29.28 -10.15
N GLU B 288 -18.37 29.95 -9.58
CA GLU B 288 -18.23 31.22 -8.87
C GLU B 288 -17.60 31.04 -7.46
N GLU B 289 -17.62 29.79 -6.91
CA GLU B 289 -17.02 29.45 -5.62
C GLU B 289 -15.51 29.44 -5.71
N GLY B 290 -14.84 29.76 -4.60
CA GLY B 290 -13.39 29.79 -4.54
C GLY B 290 -12.82 28.40 -4.41
N LEU B 291 -11.56 28.22 -4.83
CA LEU B 291 -10.83 26.95 -4.78
C LEU B 291 -10.59 26.47 -3.36
N PHE B 292 -10.51 27.39 -2.37
CA PHE B 292 -10.24 27.08 -0.94
C PHE B 292 -11.35 26.22 -0.36
N VAL B 293 -12.56 26.35 -0.90
CA VAL B 293 -13.76 25.62 -0.49
C VAL B 293 -13.54 24.12 -0.61
N TYR B 294 -12.83 23.70 -1.66
CA TYR B 294 -12.54 22.30 -1.98
C TYR B 294 -11.09 21.87 -1.75
N MET B 295 -10.14 22.80 -1.91
CA MET B 295 -8.69 22.57 -1.89
C MET B 295 -7.89 23.18 -0.73
N GLY B 296 -8.53 23.95 0.15
CA GLY B 296 -7.85 24.65 1.24
C GLY B 296 -6.98 25.80 0.76
N SER B 297 -6.23 26.48 1.66
CA SER B 297 -5.34 27.56 1.22
C SER B 297 -3.89 27.43 1.72
N ILE B 317 5.04 20.34 -31.95
CA ILE B 317 5.59 21.01 -30.76
C ILE B 317 5.05 20.39 -29.45
N VAL B 318 4.32 19.25 -29.56
CA VAL B 318 3.67 18.57 -28.43
C VAL B 318 3.37 17.06 -28.74
N VAL B 319 3.13 16.23 -27.68
CA VAL B 319 2.87 14.78 -27.80
C VAL B 319 1.41 14.43 -27.46
N ASN B 320 0.77 13.58 -28.28
CA ASN B 320 -0.61 13.13 -28.05
C ASN B 320 -0.56 12.02 -27.02
N GLN B 321 -1.49 12.01 -26.06
CA GLN B 321 -1.58 10.98 -25.01
C GLN B 321 -1.63 9.56 -25.60
N ARG B 322 -2.34 9.38 -26.74
CA ARG B 322 -2.43 8.10 -27.46
C ARG B 322 -1.08 7.64 -28.08
N ASP B 323 -0.10 8.58 -28.28
CA ASP B 323 1.23 8.35 -28.85
C ASP B 323 2.38 8.36 -27.85
N ALA B 324 2.14 8.77 -26.60
CA ALA B 324 3.15 8.87 -25.54
C ALA B 324 3.89 7.56 -25.30
N ASP B 325 3.20 6.41 -25.40
CA ASP B 325 3.80 5.09 -25.18
C ASP B 325 4.91 4.85 -26.21
N LEU B 326 4.61 5.21 -27.48
CA LEU B 326 5.53 5.14 -28.60
C LEU B 326 6.68 6.10 -28.47
N LEU B 327 6.45 7.34 -27.97
CA LEU B 327 7.52 8.34 -27.77
C LEU B 327 8.58 7.76 -26.85
N HIS B 328 8.15 7.06 -25.84
CA HIS B 328 8.99 6.39 -24.87
C HIS B 328 9.84 5.30 -25.53
N LEU B 329 9.17 4.45 -26.37
CA LEU B 329 9.88 3.37 -27.07
C LEU B 329 10.93 3.96 -28.05
N TRP B 330 10.57 5.01 -28.77
CA TRP B 330 11.47 5.71 -29.69
C TRP B 330 12.62 6.42 -28.95
N GLU B 331 12.36 6.96 -27.75
CA GLU B 331 13.37 7.63 -26.93
C GLU B 331 14.37 6.63 -26.38
N LYS B 332 13.86 5.47 -25.94
CA LYS B 332 14.61 4.33 -25.45
C LYS B 332 15.54 3.88 -26.57
N PHE B 333 15.00 3.77 -27.81
CA PHE B 333 15.71 3.34 -29.00
C PHE B 333 16.79 4.30 -29.47
N ARG B 334 16.43 5.58 -29.56
CA ARG B 334 17.29 6.66 -30.03
C ARG B 334 18.55 6.83 -29.15
N LYS B 335 18.36 6.89 -27.81
CA LYS B 335 19.42 7.05 -26.80
C LYS B 335 20.33 5.83 -26.64
N ALA B 336 19.79 4.62 -26.86
CA ALA B 336 20.51 3.35 -26.74
C ALA B 336 21.74 3.23 -27.63
N PRO B 337 22.91 2.75 -27.11
CA PRO B 337 24.10 2.63 -27.98
C PRO B 337 23.91 1.58 -29.06
N GLU B 338 24.48 1.79 -30.25
CA GLU B 338 24.36 0.87 -31.37
C GLU B 338 24.98 -0.48 -31.06
N GLY B 339 24.36 -1.56 -31.55
CA GLY B 339 24.80 -2.93 -31.33
C GLY B 339 24.58 -3.46 -29.92
N SER B 340 23.88 -2.70 -29.08
CA SER B 340 23.59 -3.09 -27.70
C SER B 340 22.27 -3.85 -27.62
N ALA B 341 22.11 -4.65 -26.55
CA ALA B 341 20.92 -5.44 -26.30
C ALA B 341 19.74 -4.52 -26.06
N ARG B 342 19.96 -3.36 -25.38
CA ARG B 342 18.91 -2.36 -25.15
C ARG B 342 18.35 -1.84 -26.49
N LYS B 343 19.21 -1.43 -27.45
CA LYS B 343 18.75 -0.97 -28.78
C LYS B 343 17.99 -2.08 -29.51
N GLU B 344 18.52 -3.31 -29.51
CA GLU B 344 17.88 -4.51 -30.08
C GLU B 344 16.49 -4.74 -29.42
N GLU B 345 16.39 -4.53 -28.08
CA GLU B 345 15.16 -4.70 -27.32
C GLU B 345 14.15 -3.62 -27.66
N ALA B 346 14.59 -2.36 -27.65
CA ALA B 346 13.75 -1.20 -27.95
C ALA B 346 13.18 -1.28 -29.36
N GLN B 347 14.02 -1.67 -30.34
CA GLN B 347 13.63 -1.83 -31.75
C GLN B 347 12.52 -2.88 -31.87
N THR B 348 12.67 -4.03 -31.20
CA THR B 348 11.69 -5.12 -31.24
C THR B 348 10.39 -4.71 -30.52
N GLN B 349 10.47 -3.86 -29.48
CA GLN B 349 9.29 -3.34 -28.77
C GLN B 349 8.48 -2.42 -29.70
N ILE B 350 9.17 -1.52 -30.45
CA ILE B 350 8.54 -0.60 -31.40
C ILE B 350 7.81 -1.44 -32.42
N PHE B 351 8.53 -2.46 -32.99
CA PHE B 351 7.98 -3.39 -33.97
C PHE B 351 6.70 -4.09 -33.48
N LYS B 352 6.73 -4.58 -32.22
CA LYS B 352 5.60 -5.27 -31.61
C LYS B 352 4.43 -4.33 -31.45
N ALA B 353 4.68 -3.12 -30.89
CA ALA B 353 3.65 -2.10 -30.67
C ALA B 353 3.01 -1.66 -31.98
N MET B 354 3.84 -1.43 -33.04
CA MET B 354 3.38 -1.02 -34.38
C MET B 354 2.52 -2.10 -35.01
N SER B 355 2.92 -3.37 -34.81
CA SER B 355 2.21 -4.54 -35.31
C SER B 355 0.81 -4.63 -34.73
N HIS B 356 0.67 -4.34 -33.43
CA HIS B 356 -0.63 -4.40 -32.76
C HIS B 356 -1.51 -3.23 -33.14
N ARG B 357 -0.93 -2.02 -33.25
CA ARG B 357 -1.65 -0.82 -33.63
C ARG B 357 -2.23 -1.01 -35.01
N VAL B 358 -1.37 -1.36 -36.00
CA VAL B 358 -1.75 -1.63 -37.40
C VAL B 358 -2.88 -2.68 -37.49
N HIS B 359 -2.70 -3.81 -36.78
CA HIS B 359 -3.68 -4.89 -36.72
C HIS B 359 -5.06 -4.44 -36.25
N ILE B 360 -5.13 -3.76 -35.07
CA ILE B 360 -6.37 -3.29 -34.44
C ILE B 360 -7.11 -2.27 -35.33
N ASP B 361 -6.39 -1.26 -35.84
CA ASP B 361 -6.94 -0.21 -36.71
C ASP B 361 -7.51 -0.79 -37.99
N SER B 362 -6.75 -1.71 -38.64
CA SER B 362 -7.21 -2.34 -39.88
C SER B 362 -8.40 -3.25 -39.63
N SER B 363 -8.39 -3.93 -38.48
CA SER B 363 -9.47 -4.82 -38.10
C SER B 363 -10.79 -4.08 -37.80
N ILE B 364 -10.74 -2.90 -37.09
CA ILE B 364 -11.98 -2.16 -36.84
C ILE B 364 -12.48 -1.60 -38.20
N LYS B 365 -11.54 -0.99 -38.98
CA LYS B 365 -11.78 -0.40 -40.29
C LYS B 365 -12.55 -1.37 -41.20
N LEU B 366 -12.18 -2.67 -41.13
CA LEU B 366 -12.80 -3.78 -41.83
C LEU B 366 -14.23 -3.99 -41.39
N ILE B 367 -14.46 -4.35 -40.10
CA ILE B 367 -15.78 -4.60 -39.49
C ILE B 367 -16.84 -3.55 -39.93
N GLY B 368 -16.42 -2.29 -40.04
CA GLY B 368 -17.25 -1.17 -40.44
C GLY B 368 -17.68 -1.19 -41.88
N LYS B 369 -16.77 -1.63 -42.78
CA LYS B 369 -17.05 -1.76 -44.21
C LYS B 369 -17.86 -3.05 -44.40
N LEU B 370 -17.44 -4.14 -43.74
CA LEU B 370 -18.03 -5.48 -43.73
C LEU B 370 -19.48 -5.50 -43.22
N LEU B 371 -19.82 -4.55 -42.34
CA LEU B 371 -21.14 -4.46 -41.73
C LEU B 371 -22.15 -3.61 -42.52
N PHE B 372 -21.69 -2.58 -43.26
CA PHE B 372 -22.59 -1.70 -44.00
C PHE B 372 -22.33 -1.55 -45.51
N GLY B 373 -21.06 -1.50 -45.89
CA GLY B 373 -20.60 -1.29 -47.26
C GLY B 373 -19.57 -0.18 -47.30
N ILE B 374 -19.08 0.17 -48.52
CA ILE B 374 -18.05 1.20 -48.68
C ILE B 374 -18.65 2.57 -49.11
N GLU B 375 -19.89 2.59 -49.69
CA GLU B 375 -20.60 3.81 -50.13
C GLU B 375 -20.67 4.87 -49.01
N LYS B 376 -20.57 6.17 -49.39
CA LYS B 376 -20.54 7.33 -48.47
C LYS B 376 -21.69 7.41 -47.44
N CYS B 377 -22.84 6.78 -47.71
CA CYS B 377 -23.98 6.75 -46.79
C CYS B 377 -23.90 5.54 -45.84
N THR B 378 -23.23 4.42 -46.29
CA THR B 378 -23.08 3.15 -45.56
C THR B 378 -21.87 3.10 -44.59
N GLU B 379 -20.70 3.64 -44.97
CA GLU B 379 -19.52 3.64 -44.07
C GLU B 379 -19.57 4.72 -42.97
N ILE B 380 -20.79 5.21 -42.61
CA ILE B 380 -21.01 6.26 -41.60
C ILE B 380 -20.90 5.69 -40.18
N LEU B 381 -19.63 5.63 -39.74
CA LEU B 381 -19.12 5.27 -38.42
C LEU B 381 -18.23 6.44 -38.02
N ASN B 382 -18.40 7.53 -38.76
CA ASN B 382 -17.76 8.82 -38.55
C ASN B 382 -18.87 9.73 -38.01
N ALA B 383 -20.03 9.09 -37.65
CA ALA B 383 -21.23 9.71 -37.09
C ALA B 383 -20.89 10.65 -35.97
N VAL B 384 -21.40 11.86 -36.09
CA VAL B 384 -21.22 12.95 -35.14
C VAL B 384 -22.52 13.08 -34.31
N ARG B 385 -22.41 12.76 -32.99
CA ARG B 385 -23.52 12.85 -32.04
C ARG B 385 -23.90 14.31 -31.84
N PRO B 386 -25.21 14.67 -31.97
CA PRO B 386 -25.62 16.08 -31.79
C PRO B 386 -25.28 16.60 -30.40
N ALA B 387 -24.98 17.91 -30.32
CA ALA B 387 -24.58 18.60 -29.09
C ALA B 387 -25.57 18.38 -27.94
N GLY B 388 -25.03 18.01 -26.78
CA GLY B 388 -25.80 17.80 -25.57
C GLY B 388 -26.53 16.48 -25.43
N GLN B 389 -26.29 15.53 -26.37
CA GLN B 389 -26.85 14.18 -26.36
C GLN B 389 -25.80 13.19 -25.81
N PRO B 390 -26.18 12.09 -25.11
CA PRO B 390 -25.17 11.14 -24.60
C PRO B 390 -24.52 10.38 -25.74
N LEU B 391 -23.37 9.74 -25.50
CA LEU B 391 -22.66 9.00 -26.55
C LEU B 391 -23.53 7.89 -27.16
N VAL B 392 -24.23 7.18 -26.30
CA VAL B 392 -25.03 6.02 -26.65
C VAL B 392 -26.31 6.06 -25.78
N ASP B 393 -27.33 5.27 -26.14
CA ASP B 393 -28.57 5.13 -25.36
C ASP B 393 -28.55 3.81 -24.58
N ASP B 394 -28.09 2.71 -25.23
CA ASP B 394 -27.94 1.41 -24.58
C ASP B 394 -26.46 1.12 -24.32
N TRP B 395 -26.00 1.53 -23.13
CA TRP B 395 -24.63 1.36 -22.66
C TRP B 395 -24.27 -0.10 -22.48
N ALA B 396 -25.23 -0.93 -22.01
CA ALA B 396 -25.06 -2.37 -21.85
C ALA B 396 -24.74 -3.02 -23.21
N CYS B 397 -25.33 -2.47 -24.29
CA CYS B 397 -25.11 -2.90 -25.68
C CYS B 397 -23.73 -2.45 -26.15
N LEU B 398 -23.31 -1.20 -25.82
CA LEU B 398 -21.98 -0.71 -26.19
C LEU B 398 -20.92 -1.65 -25.55
N ARG B 399 -21.13 -2.03 -24.28
CA ARG B 399 -20.25 -2.94 -23.56
C ARG B 399 -20.19 -4.32 -24.21
N SER B 400 -21.36 -4.89 -24.60
CA SER B 400 -21.43 -6.20 -25.27
C SER B 400 -20.76 -6.22 -26.64
N LEU B 401 -20.85 -5.10 -27.38
CA LEU B 401 -20.25 -4.93 -28.71
C LEU B 401 -18.72 -4.81 -28.62
N VAL B 402 -18.20 -4.12 -27.56
CA VAL B 402 -16.76 -3.99 -27.29
C VAL B 402 -16.26 -5.39 -26.88
N GLY B 403 -17.06 -6.09 -26.07
CA GLY B 403 -16.80 -7.45 -25.63
C GLY B 403 -16.62 -8.41 -26.78
N THR B 404 -17.62 -8.46 -27.72
CA THR B 404 -17.53 -9.34 -28.89
C THR B 404 -16.34 -8.96 -29.77
N PHE B 405 -16.01 -7.65 -29.96
CA PHE B 405 -14.81 -7.32 -30.75
C PHE B 405 -13.58 -8.00 -30.14
N GLU B 406 -13.37 -7.81 -28.82
CA GLU B 406 -12.23 -8.32 -28.08
C GLU B 406 -12.08 -9.84 -28.13
N THR B 407 -13.18 -10.59 -27.97
CA THR B 407 -13.18 -12.07 -27.97
C THR B 407 -12.89 -12.67 -29.36
N HIS B 408 -12.90 -11.85 -30.43
CA HIS B 408 -12.68 -12.28 -31.81
C HIS B 408 -11.40 -11.72 -32.42
N CYS B 409 -11.08 -10.47 -32.07
CA CYS B 409 -9.87 -9.81 -32.52
C CYS B 409 -8.97 -9.60 -31.32
N GLY B 410 -8.03 -8.66 -31.40
CA GLY B 410 -7.15 -8.41 -30.26
C GLY B 410 -7.83 -7.74 -29.07
N SER B 411 -7.00 -7.33 -28.10
CA SER B 411 -7.43 -6.65 -26.87
C SER B 411 -7.68 -5.15 -27.14
N LEU B 412 -8.86 -4.65 -26.70
CA LEU B 412 -9.19 -3.23 -26.81
C LEU B 412 -8.79 -2.55 -25.50
N SER B 413 -7.50 -2.72 -25.08
CA SER B 413 -6.95 -2.11 -23.88
C SER B 413 -6.34 -0.74 -24.23
N GLU B 414 -5.36 -0.25 -23.45
CA GLU B 414 -4.75 1.09 -23.63
C GLU B 414 -4.88 1.65 -25.07
N TYR B 415 -4.36 0.91 -26.09
CA TYR B 415 -4.44 1.39 -27.47
C TYR B 415 -5.85 1.25 -28.04
N GLY B 416 -6.35 0.01 -28.06
CA GLY B 416 -7.67 -0.32 -28.59
C GLY B 416 -8.84 0.51 -28.09
N MET B 417 -8.72 1.05 -26.86
CA MET B 417 -9.69 1.91 -26.19
C MET B 417 -10.15 3.05 -27.10
N ARG B 418 -9.25 3.56 -27.97
CA ARG B 418 -9.48 4.64 -28.94
C ARG B 418 -10.75 4.47 -29.74
N HIS B 419 -10.95 3.25 -30.26
CA HIS B 419 -12.02 2.86 -31.16
C HIS B 419 -13.41 2.66 -30.51
N THR B 420 -13.62 3.17 -29.27
CA THR B 420 -14.89 3.06 -28.56
C THR B 420 -16.00 3.82 -29.26
N ARG B 421 -15.66 5.00 -29.83
CA ARG B 421 -16.63 5.83 -30.55
C ARG B 421 -17.12 5.10 -31.78
N THR B 422 -16.20 4.44 -32.53
CA THR B 422 -16.57 3.66 -33.73
C THR B 422 -17.60 2.60 -33.34
N ILE B 423 -17.34 1.87 -32.24
CA ILE B 423 -18.25 0.85 -31.76
C ILE B 423 -19.57 1.46 -31.21
N ALA B 424 -19.52 2.71 -30.68
CA ALA B 424 -20.74 3.38 -30.18
C ALA B 424 -21.64 3.75 -31.36
N ASN B 425 -21.04 4.22 -32.47
CA ASN B 425 -21.75 4.57 -33.68
C ASN B 425 -22.39 3.31 -34.27
N ILE B 426 -21.70 2.15 -34.16
CA ILE B 426 -22.18 0.82 -34.60
C ILE B 426 -23.37 0.43 -33.72
N CYS B 427 -23.26 0.67 -32.40
CA CYS B 427 -24.31 0.43 -31.40
C CYS B 427 -25.57 1.28 -31.74
N ASN B 428 -25.38 2.60 -31.97
CA ASN B 428 -26.41 3.56 -32.34
C ASN B 428 -27.10 3.26 -33.68
N ALA B 429 -26.36 2.63 -34.62
CA ALA B 429 -26.86 2.22 -35.93
C ALA B 429 -27.86 1.06 -35.82
N GLY B 430 -27.96 0.47 -34.62
CA GLY B 430 -28.89 -0.62 -34.31
C GLY B 430 -28.33 -2.03 -34.44
N ILE B 431 -27.00 -2.16 -34.66
CA ILE B 431 -26.31 -3.45 -34.78
C ILE B 431 -26.38 -4.18 -33.43
N SER B 432 -26.72 -5.47 -33.48
CA SER B 432 -26.85 -6.34 -32.31
C SER B 432 -25.52 -7.08 -32.04
N GLU B 433 -25.43 -7.72 -30.87
CA GLU B 433 -24.29 -8.53 -30.43
C GLU B 433 -24.07 -9.70 -31.40
N GLU B 434 -25.18 -10.28 -31.91
CA GLU B 434 -25.19 -11.38 -32.88
C GLU B 434 -24.55 -10.89 -34.20
N GLN B 435 -25.01 -9.73 -34.70
CA GLN B 435 -24.57 -9.07 -35.92
C GLN B 435 -23.09 -8.66 -35.86
N MET B 436 -22.67 -8.08 -34.71
CA MET B 436 -21.29 -7.64 -34.43
C MET B 436 -20.30 -8.82 -34.47
N ALA B 437 -20.55 -9.86 -33.63
CA ALA B 437 -19.73 -11.07 -33.53
C ALA B 437 -19.55 -11.75 -34.90
N GLU B 438 -20.61 -11.75 -35.74
CA GLU B 438 -20.59 -12.29 -37.09
C GLU B 438 -19.58 -11.51 -37.96
N ALA B 439 -19.72 -10.17 -38.02
CA ALA B 439 -18.83 -9.29 -38.77
C ALA B 439 -17.37 -9.38 -38.27
N ALA B 440 -17.17 -9.41 -36.92
CA ALA B 440 -15.85 -9.50 -36.30
C ALA B 440 -15.17 -10.81 -36.66
N SER B 441 -15.91 -11.94 -36.58
CA SER B 441 -15.46 -13.30 -36.87
C SER B 441 -14.76 -13.42 -38.21
N GLN B 442 -15.27 -12.74 -39.26
CA GLN B 442 -14.69 -12.77 -40.61
C GLN B 442 -13.48 -11.85 -40.77
N ALA B 443 -13.55 -10.63 -40.20
CA ALA B 443 -12.49 -9.62 -40.28
C ALA B 443 -11.20 -10.03 -39.57
N CYS B 444 -11.27 -10.96 -38.60
CA CYS B 444 -10.10 -11.42 -37.87
C CYS B 444 -9.82 -12.91 -38.07
N ALA B 445 -9.97 -13.35 -39.33
CA ALA B 445 -9.63 -14.69 -39.83
C ALA B 445 -8.14 -14.58 -40.26
N SER B 446 -7.70 -13.29 -40.33
CA SER B 446 -6.38 -12.72 -40.66
C SER B 446 -5.80 -12.07 -39.38
#